data_8CSB
#
_entry.id   8CSB
#
_cell.length_a   92.710
_cell.length_b   157.440
_cell.length_c   120.060
_cell.angle_alpha   90.000
_cell.angle_beta   90.000
_cell.angle_gamma   90.000
#
_symmetry.space_group_name_H-M   'C 2 2 21'
#
loop_
_entity.id
_entity.type
_entity.pdbx_description
1 polymer 'N-acetyl glucosaminyl transferase'
2 non-polymer 'PHOSPHATE ION'
3 non-polymer "CYTIDINE-5'-MONOPHOSPHATE"
4 non-polymer "CYTIDINE 5'-MONOPHOSPHATE 3-DEOXY-BETA-D-GULO-OCT-2-ULO-PYRANOSONIC ACID"
5 water water
#
_entity_poly.entity_id   1
_entity_poly.type   'polypeptide(L)'
_entity_poly.pdbx_seq_one_letter_code
;MGLAVFLPPYPFRGLKAPYLWMFYKYLH(CSO)ATDSILFITGEDYLSVTDDEAQRARWEFDPASMASLGYELPNAQSMA
CHEYLTLDNAFYETLLSRHHHDPIKSFSAFLTERIPDLETELHALLDSKKGIIDQIDTFISICNCPSLEHVARTLGKEVM
HIEIGPLRAPMYRNTAYLDFAGVNGGTEASARYEKCQAEFDIKASLGDLHNYFLEVLPPAEAATHSAAGVVLQVEDNSNL
IAYNHDFTNISLLSYVRQRYEKEDILVRAHPGSLFRLRDDVFTIDDSANSLAFINQCNEVFTINSSVGLEAILTGKKTTV
LGDCSYAFINELAGASATVNAAAFYLFSYLVPFDLVFNQEYLKFRLGHPEEREIVGKHIEFYSADMPGSLSQAAHSLSSL
INEAISLEHHHHHH
;
_entity_poly.pdbx_strand_id   A,B
#
loop_
_chem_comp.id
_chem_comp.type
_chem_comp.name
_chem_comp.formula
C5P non-polymer CYTIDINE-5'-MONOPHOSPHATE 'C9 H14 N3 O8 P'
CMK non-polymer 'CYTIDINE 5'-MONOPHOSPHATE 3-DEOXY-BETA-D-GULO-OCT-2-ULO-PYRANOSONIC ACID' 'C17 H26 N3 O15 P'
PO4 non-polymer 'PHOSPHATE ION' 'O4 P -3'
#
# COMPACT_ATOMS: atom_id res chain seq x y z
N GLY A 2 -7.16 15.82 -14.48
CA GLY A 2 -7.95 14.82 -15.16
C GLY A 2 -7.85 13.48 -14.44
N LEU A 3 -8.29 12.44 -15.13
CA LEU A 3 -8.23 11.08 -14.64
C LEU A 3 -7.04 10.35 -15.27
N ALA A 4 -6.36 9.49 -14.49
CA ALA A 4 -5.33 8.61 -15.03
C ALA A 4 -5.85 7.18 -14.90
N VAL A 5 -6.19 6.57 -16.03
CA VAL A 5 -6.84 5.26 -16.08
C VAL A 5 -5.81 4.22 -16.51
N PHE A 6 -5.58 3.22 -15.63
CA PHE A 6 -4.59 2.17 -15.82
C PHE A 6 -5.29 0.92 -16.36
N LEU A 7 -5.00 0.58 -17.63
CA LEU A 7 -5.58 -0.58 -18.32
C LEU A 7 -4.42 -1.43 -18.82
N PRO A 8 -3.79 -2.18 -17.93
CA PRO A 8 -2.56 -2.90 -18.29
C PRO A 8 -2.81 -3.80 -19.49
N PRO A 9 -1.88 -3.84 -20.46
CA PRO A 9 -2.07 -4.67 -21.66
C PRO A 9 -1.62 -6.11 -21.51
N TYR A 10 -1.17 -6.53 -20.35
CA TYR A 10 -0.46 -7.80 -20.24
C TYR A 10 -1.43 -8.97 -20.41
N PRO A 11 -1.15 -9.91 -21.35
CA PRO A 11 -2.17 -10.92 -21.69
C PRO A 11 -2.04 -12.17 -20.82
N PHE A 12 -2.29 -12.00 -19.51
CA PHE A 12 -2.05 -13.07 -18.54
C PHE A 12 -2.97 -14.26 -18.80
N ARG A 13 -4.25 -13.98 -19.06
CA ARG A 13 -5.20 -15.01 -19.44
C ARG A 13 -5.17 -15.32 -20.93
N GLY A 14 -4.11 -14.96 -21.64
CA GLY A 14 -4.00 -15.31 -23.06
C GLY A 14 -4.78 -14.43 -24.03
N LEU A 15 -5.34 -13.31 -23.56
CA LEU A 15 -6.14 -12.35 -24.34
C LEU A 15 -5.48 -10.98 -24.35
N LYS A 16 -5.28 -10.44 -25.57
CA LYS A 16 -4.82 -9.08 -25.80
C LYS A 16 -5.88 -8.05 -25.40
N ALA A 17 -5.40 -6.84 -25.06
CA ALA A 17 -6.22 -5.77 -24.50
C ALA A 17 -7.32 -6.37 -23.59
N PRO A 18 -6.96 -6.98 -22.45
CA PRO A 18 -7.97 -7.74 -21.69
C PRO A 18 -9.08 -6.88 -21.09
N TYR A 19 -8.82 -5.60 -20.80
CA TYR A 19 -9.78 -4.69 -20.17
C TYR A 19 -10.42 -3.71 -21.16
N LEU A 20 -10.52 -4.11 -22.43
CA LEU A 20 -11.03 -3.26 -23.51
C LEU A 20 -12.43 -2.69 -23.25
N TRP A 21 -13.32 -3.42 -22.56
CA TRP A 21 -14.66 -2.87 -22.38
C TRP A 21 -14.64 -1.59 -21.53
N MET A 22 -13.77 -1.53 -20.50
CA MET A 22 -13.67 -0.34 -19.64
C MET A 22 -13.00 0.81 -20.37
N PHE A 23 -12.04 0.51 -21.24
CA PHE A 23 -11.49 1.51 -22.14
C PHE A 23 -12.59 2.13 -23.00
N TYR A 24 -13.52 1.31 -23.51
CA TYR A 24 -14.60 1.83 -24.35
C TYR A 24 -15.66 2.57 -23.51
N LYS A 25 -15.91 2.10 -22.30
CA LYS A 25 -16.87 2.79 -21.44
C LYS A 25 -16.34 4.17 -21.03
N TYR A 26 -15.08 4.25 -20.56
CA TYR A 26 -14.50 5.59 -20.26
C TYR A 26 -14.50 6.47 -21.50
N LEU A 27 -14.13 5.91 -22.66
CA LEU A 27 -14.08 6.71 -23.87
C LEU A 27 -15.45 7.22 -24.30
N HIS A 28 -16.51 6.42 -24.12
CA HIS A 28 -17.87 6.83 -24.45
C HIS A 28 -18.37 7.95 -23.53
N CSO A 29 -18.19 7.78 -22.23
CA CSO A 29 -18.70 8.71 -21.21
CB CSO A 29 -18.79 8.00 -19.85
SG CSO A 29 -19.98 6.64 -19.86
C CSO A 29 -17.91 10.03 -21.00
O CSO A 29 -18.35 10.90 -20.24
OD CSO A 29 -21.48 7.17 -19.01
N ALA A 30 -16.76 10.16 -21.65
CA ALA A 30 -15.80 11.22 -21.39
C ALA A 30 -16.31 12.65 -21.66
N THR A 31 -16.22 13.52 -20.65
CA THR A 31 -16.46 14.96 -20.81
C THR A 31 -15.16 15.74 -20.99
N ASP A 32 -14.13 15.42 -20.20
CA ASP A 32 -12.80 16.01 -20.27
C ASP A 32 -11.79 15.01 -20.82
N SER A 33 -10.64 15.52 -21.19
CA SER A 33 -9.55 14.63 -21.56
C SER A 33 -9.13 13.80 -20.35
N ILE A 34 -8.75 12.55 -20.62
CA ILE A 34 -8.17 11.71 -19.58
C ILE A 34 -6.92 11.05 -20.15
N LEU A 35 -6.05 10.67 -19.22
CA LEU A 35 -4.79 10.04 -19.56
C LEU A 35 -4.99 8.53 -19.47
N PHE A 36 -4.81 7.85 -20.60
CA PHE A 36 -4.80 6.39 -20.59
C PHE A 36 -3.39 5.86 -20.41
N ILE A 37 -3.21 4.96 -19.44
CA ILE A 37 -1.99 4.20 -19.28
C ILE A 37 -2.35 2.76 -19.64
N THR A 38 -1.92 2.30 -20.81
CA THR A 38 -2.49 1.09 -21.38
C THR A 38 -1.45 0.46 -22.28
N GLY A 39 -1.87 -0.14 -23.39
CA GLY A 39 -0.93 -0.79 -24.27
C GLY A 39 -1.37 -0.64 -25.71
N GLU A 40 -0.39 -0.70 -26.60
CA GLU A 40 -0.66 -0.57 -28.02
C GLU A 40 -1.87 -1.41 -28.46
N ASP A 41 -2.06 -2.59 -27.86
CA ASP A 41 -3.15 -3.50 -28.22
C ASP A 41 -4.51 -2.81 -28.16
N TYR A 42 -4.79 -2.09 -27.07
CA TYR A 42 -6.10 -1.45 -26.96
C TYR A 42 -6.41 -0.52 -28.12
N LEU A 43 -5.39 0.02 -28.79
CA LEU A 43 -5.61 0.96 -29.89
C LEU A 43 -5.77 0.29 -31.25
N SER A 44 -5.05 -0.83 -31.52
CA SER A 44 -5.07 -1.49 -32.82
C SER A 44 -6.15 -2.56 -32.96
N VAL A 45 -6.73 -3.02 -31.84
CA VAL A 45 -7.77 -4.04 -31.92
C VAL A 45 -8.96 -3.55 -32.75
N THR A 46 -9.26 -2.26 -32.66
CA THR A 46 -10.42 -1.71 -33.34
C THR A 46 -10.37 -1.94 -34.87
N ASP A 47 -9.17 -2.01 -35.47
CA ASP A 47 -8.94 -2.19 -36.91
C ASP A 47 -8.46 -3.58 -37.32
N ASP A 48 -8.06 -4.42 -36.36
CA ASP A 48 -7.60 -5.79 -36.61
C ASP A 48 -8.81 -6.68 -36.83
N GLU A 49 -8.88 -7.33 -38.01
CA GLU A 49 -10.06 -8.08 -38.39
C GLU A 49 -10.09 -9.51 -37.87
N ALA A 50 -8.94 -10.03 -37.39
CA ALA A 50 -8.86 -11.37 -36.81
C ALA A 50 -9.27 -11.38 -35.34
N GLN A 51 -10.17 -10.47 -34.93
CA GLN A 51 -10.69 -10.44 -33.55
C GLN A 51 -11.90 -9.52 -33.42
N ARG A 52 -12.75 -9.42 -34.44
CA ARG A 52 -14.03 -8.76 -34.25
C ARG A 52 -15.10 -9.71 -33.78
N ALA A 53 -14.73 -10.97 -33.53
CA ALA A 53 -15.60 -11.91 -32.84
C ALA A 53 -15.55 -11.75 -31.32
N ARG A 54 -14.81 -10.78 -30.80
CA ARG A 54 -14.77 -10.59 -29.35
C ARG A 54 -16.05 -9.93 -28.85
N TRP A 55 -16.40 -10.25 -27.58
CA TRP A 55 -17.66 -9.83 -26.97
C TRP A 55 -17.76 -8.31 -26.74
N GLU A 56 -16.63 -7.59 -26.62
CA GLU A 56 -16.66 -6.14 -26.43
C GLU A 56 -17.15 -5.40 -27.67
N PHE A 57 -17.15 -6.05 -28.85
CA PHE A 57 -17.71 -5.55 -30.10
C PHE A 57 -19.13 -6.10 -30.39
N ASP A 58 -19.74 -6.78 -29.42
CA ASP A 58 -21.06 -7.36 -29.65
C ASP A 58 -22.12 -6.36 -29.21
N PRO A 59 -23.00 -5.89 -30.11
CA PRO A 59 -24.01 -4.87 -29.74
C PRO A 59 -24.87 -5.20 -28.52
N ALA A 60 -25.03 -6.48 -28.19
CA ALA A 60 -25.74 -6.82 -26.95
C ALA A 60 -24.88 -6.55 -25.71
N SER A 61 -23.55 -6.80 -25.75
CA SER A 61 -22.73 -6.39 -24.59
C SER A 61 -22.60 -4.88 -24.51
N MET A 62 -22.51 -4.22 -25.67
CA MET A 62 -22.36 -2.77 -25.73
C MET A 62 -23.57 -2.07 -25.13
N ALA A 63 -24.78 -2.45 -25.57
CA ALA A 63 -26.02 -1.90 -25.03
C ALA A 63 -26.18 -2.19 -23.56
N SER A 64 -25.66 -3.32 -23.10
CA SER A 64 -25.87 -3.69 -21.72
C SER A 64 -24.96 -2.89 -20.79
N LEU A 65 -23.75 -2.58 -21.23
CA LEU A 65 -22.82 -1.79 -20.42
C LEU A 65 -22.91 -0.30 -20.75
N GLY A 66 -23.77 0.09 -21.69
CA GLY A 66 -23.93 1.49 -22.02
C GLY A 66 -22.75 2.19 -22.70
N TYR A 67 -22.19 1.59 -23.75
CA TYR A 67 -21.16 2.27 -24.53
C TYR A 67 -21.37 1.98 -26.02
N GLU A 68 -20.80 2.87 -26.85
CA GLU A 68 -20.68 2.70 -28.30
C GLU A 68 -19.21 2.76 -28.69
N LEU A 69 -18.90 2.20 -29.85
CA LEU A 69 -17.51 2.03 -30.21
C LEU A 69 -16.89 3.38 -30.57
N PRO A 70 -15.68 3.67 -30.09
CA PRO A 70 -15.07 4.97 -30.38
C PRO A 70 -14.73 5.15 -31.85
N ASN A 71 -14.62 6.41 -32.27
CA ASN A 71 -14.16 6.80 -33.61
C ASN A 71 -12.90 7.66 -33.50
N ALA A 72 -12.38 8.11 -34.64
CA ALA A 72 -11.14 8.87 -34.65
C ALA A 72 -11.22 10.09 -33.73
N GLN A 73 -12.30 10.88 -33.86
CA GLN A 73 -12.49 12.06 -33.02
C GLN A 73 -12.60 11.70 -31.54
N SER A 74 -13.28 10.59 -31.22
CA SER A 74 -13.46 10.18 -29.83
C SER A 74 -12.12 9.86 -29.17
N MET A 75 -11.20 9.27 -29.93
CA MET A 75 -9.88 8.95 -29.41
C MET A 75 -9.04 10.20 -29.15
N ALA A 76 -9.21 11.24 -29.97
CA ALA A 76 -8.28 12.38 -29.99
C ALA A 76 -8.46 13.35 -28.83
N CYS A 77 -9.55 13.28 -28.07
CA CYS A 77 -9.67 14.10 -26.86
C CYS A 77 -8.58 13.79 -25.82
N HIS A 78 -7.97 12.59 -25.86
CA HIS A 78 -7.29 12.03 -24.71
C HIS A 78 -5.80 11.77 -24.97
N GLU A 79 -5.04 11.68 -23.87
CA GLU A 79 -3.62 11.37 -23.89
C GLU A 79 -3.40 9.89 -23.62
N TYR A 80 -2.40 9.30 -24.29
CA TYR A 80 -2.14 7.87 -24.18
C TYR A 80 -0.68 7.62 -23.80
N LEU A 81 -0.46 6.74 -22.83
CA LEU A 81 0.88 6.27 -22.50
C LEU A 81 0.90 4.75 -22.56
N THR A 82 1.83 4.20 -23.33
CA THR A 82 1.81 2.79 -23.71
C THR A 82 2.94 2.00 -23.04
N LEU A 83 2.60 0.93 -22.31
CA LEU A 83 3.55 -0.03 -21.76
C LEU A 83 4.03 -1.00 -22.85
N ASP A 84 5.21 -1.60 -22.65
CA ASP A 84 5.77 -2.45 -23.69
C ASP A 84 5.70 -3.92 -23.32
N ASN A 85 6.00 -4.79 -24.29
CA ASN A 85 5.87 -6.22 -24.00
C ASN A 85 7.06 -6.88 -23.30
N ALA A 86 8.32 -6.47 -23.56
CA ALA A 86 9.43 -7.24 -23.03
C ALA A 86 9.46 -7.28 -21.49
N PHE A 87 8.87 -6.30 -20.82
CA PHE A 87 8.73 -6.50 -19.39
C PHE A 87 7.81 -7.69 -19.09
N TYR A 88 6.75 -7.87 -19.88
CA TYR A 88 5.91 -9.06 -19.70
C TYR A 88 6.71 -10.34 -19.87
N GLU A 89 7.33 -10.53 -21.04
CA GLU A 89 8.22 -11.66 -21.25
C GLU A 89 9.17 -11.84 -20.06
N THR A 90 9.71 -10.74 -19.54
CA THR A 90 10.70 -10.86 -18.48
C THR A 90 10.04 -11.28 -17.18
N LEU A 91 8.84 -10.78 -16.96
CA LEU A 91 8.07 -11.18 -15.79
C LEU A 91 7.75 -12.67 -15.83
N LEU A 92 7.28 -13.19 -16.97
CA LEU A 92 6.99 -14.62 -17.06
C LEU A 92 8.20 -15.45 -16.63
N SER A 93 9.39 -15.14 -17.17
CA SER A 93 10.57 -15.98 -16.86
C SER A 93 10.99 -15.89 -15.39
N ARG A 94 10.59 -14.83 -14.69
CA ARG A 94 10.89 -14.78 -13.26
C ARG A 94 9.90 -15.59 -12.43
N HIS A 95 8.86 -16.16 -13.03
CA HIS A 95 7.89 -17.03 -12.35
C HIS A 95 7.68 -18.33 -13.11
N HIS A 96 8.78 -18.92 -13.57
CA HIS A 96 8.76 -20.26 -14.17
C HIS A 96 7.85 -20.32 -15.40
N HIS A 97 7.76 -19.21 -16.15
CA HIS A 97 6.88 -19.10 -17.31
C HIS A 97 5.44 -19.53 -17.01
N ASP A 98 4.97 -19.34 -15.76
CA ASP A 98 3.56 -19.56 -15.43
C ASP A 98 2.83 -18.22 -15.50
N PRO A 99 1.96 -17.98 -16.50
CA PRO A 99 1.32 -16.65 -16.60
C PRO A 99 0.33 -16.40 -15.52
N ILE A 100 -0.24 -17.47 -14.93
CA ILE A 100 -1.16 -17.30 -13.84
C ILE A 100 -0.40 -16.93 -12.56
N LYS A 101 0.77 -17.55 -12.30
CA LYS A 101 1.59 -17.06 -11.18
C LYS A 101 2.09 -15.65 -11.43
N SER A 102 2.45 -15.31 -12.68
CA SER A 102 2.81 -13.92 -12.96
C SER A 102 1.66 -12.96 -12.68
N PHE A 103 0.42 -13.34 -13.05
CA PHE A 103 -0.75 -12.51 -12.73
C PHE A 103 -0.87 -12.33 -11.22
N SER A 104 -0.81 -13.44 -10.47
CA SER A 104 -0.87 -13.35 -9.02
C SER A 104 0.14 -12.33 -8.50
N ALA A 105 1.35 -12.37 -9.05
CA ALA A 105 2.36 -11.46 -8.54
C ALA A 105 2.00 -10.03 -8.90
N PHE A 106 1.52 -9.81 -10.13
CA PHE A 106 1.08 -8.48 -10.53
C PHE A 106 -0.04 -7.93 -9.62
N LEU A 107 -0.91 -8.82 -9.10
CA LEU A 107 -2.06 -8.39 -8.31
C LEU A 107 -1.69 -8.13 -6.85
N THR A 108 -0.71 -8.83 -6.33
CA THR A 108 -0.49 -8.85 -4.90
C THR A 108 0.92 -8.45 -4.45
N GLU A 109 1.90 -8.28 -5.38
CA GLU A 109 3.27 -7.83 -5.02
C GLU A 109 3.72 -6.63 -5.87
N ARG A 110 4.63 -5.83 -5.31
CA ARG A 110 5.36 -4.82 -6.08
C ARG A 110 6.31 -5.46 -7.10
N ILE A 111 6.36 -4.89 -8.30
CA ILE A 111 7.32 -5.28 -9.32
C ILE A 111 8.17 -4.06 -9.66
N PRO A 112 9.41 -3.99 -9.14
CA PRO A 112 10.19 -2.75 -9.33
C PRO A 112 10.34 -2.31 -10.80
N ASP A 113 10.64 -3.23 -11.73
CA ASP A 113 10.72 -2.85 -13.15
C ASP A 113 9.44 -2.20 -13.65
N LEU A 114 8.27 -2.81 -13.37
CA LEU A 114 7.00 -2.16 -13.68
C LEU A 114 6.93 -0.71 -13.17
N GLU A 115 7.34 -0.48 -11.90
CA GLU A 115 7.29 0.86 -11.33
C GLU A 115 8.17 1.84 -12.11
N THR A 116 9.39 1.41 -12.47
CA THR A 116 10.27 2.29 -13.25
C THR A 116 9.61 2.63 -14.59
N GLU A 117 9.08 1.63 -15.29
CA GLU A 117 8.37 1.92 -16.55
C GLU A 117 7.25 2.94 -16.31
N LEU A 118 6.42 2.73 -15.28
CA LEU A 118 5.37 3.69 -14.95
C LEU A 118 5.96 5.07 -14.64
N HIS A 119 6.93 5.14 -13.71
CA HIS A 119 7.55 6.44 -13.47
C HIS A 119 8.06 7.08 -14.76
N ALA A 120 8.60 6.30 -15.69
CA ALA A 120 9.15 6.89 -16.92
C ALA A 120 8.04 7.51 -17.77
N LEU A 121 6.98 6.73 -18.02
CA LEU A 121 5.87 7.25 -18.84
C LEU A 121 5.22 8.48 -18.20
N LEU A 122 5.09 8.50 -16.86
CA LEU A 122 4.34 9.56 -16.20
C LEU A 122 5.02 10.92 -16.25
N ASP A 123 6.34 10.98 -16.45
CA ASP A 123 6.98 12.24 -16.78
C ASP A 123 7.70 12.13 -18.12
N SER A 124 7.14 11.30 -19.02
CA SER A 124 7.57 11.27 -20.42
C SER A 124 7.38 12.61 -21.10
N LYS A 125 6.28 13.30 -20.78
CA LYS A 125 6.12 14.70 -21.10
C LYS A 125 5.95 15.46 -19.80
N LYS A 126 6.36 16.73 -19.80
CA LYS A 126 6.19 17.59 -18.65
C LYS A 126 4.71 17.96 -18.49
N GLY A 127 4.30 18.19 -17.24
CA GLY A 127 2.94 18.60 -16.96
C GLY A 127 1.94 17.47 -16.79
N ILE A 128 2.22 16.28 -17.35
CA ILE A 128 1.35 15.13 -17.15
C ILE A 128 1.07 14.91 -15.66
N ILE A 129 2.13 14.71 -14.87
CA ILE A 129 1.94 14.34 -13.46
C ILE A 129 1.01 15.33 -12.76
N ASP A 130 1.23 16.63 -12.96
CA ASP A 130 0.50 17.63 -12.19
C ASP A 130 -0.96 17.69 -12.59
N GLN A 131 -1.29 17.34 -13.83
CA GLN A 131 -2.68 17.35 -14.24
C GLN A 131 -3.44 16.14 -13.71
N ILE A 132 -2.76 15.19 -13.07
CA ILE A 132 -3.44 13.99 -12.61
C ILE A 132 -4.13 14.27 -11.28
N ASP A 133 -5.43 14.09 -11.25
CA ASP A 133 -6.18 14.25 -10.01
C ASP A 133 -6.32 12.94 -9.24
N THR A 134 -6.45 11.80 -9.93
CA THR A 134 -6.45 10.49 -9.30
C THR A 134 -6.11 9.44 -10.34
N PHE A 135 -5.58 8.31 -9.88
CA PHE A 135 -5.51 7.13 -10.74
C PHE A 135 -6.80 6.33 -10.57
N ILE A 136 -7.16 5.61 -11.62
CA ILE A 136 -8.22 4.62 -11.55
C ILE A 136 -7.62 3.32 -12.02
N SER A 137 -7.85 2.26 -11.30
CA SER A 137 -7.30 1.00 -11.71
C SER A 137 -8.44 -0.01 -11.66
N ILE A 138 -8.44 -0.95 -12.61
CA ILE A 138 -9.51 -1.95 -12.65
C ILE A 138 -9.21 -3.13 -11.74
N CYS A 139 -7.98 -3.25 -11.22
CA CYS A 139 -7.60 -4.33 -10.33
C CYS A 139 -6.57 -3.80 -9.33
N ASN A 140 -6.31 -4.57 -8.25
CA ASN A 140 -5.22 -4.19 -7.36
C ASN A 140 -3.88 -4.32 -8.09
N CYS A 141 -2.99 -3.37 -7.81
CA CYS A 141 -1.67 -3.32 -8.44
C CYS A 141 -0.68 -2.56 -7.51
N PRO A 142 -0.01 -3.27 -6.59
CA PRO A 142 0.93 -2.58 -5.67
C PRO A 142 2.08 -1.85 -6.38
N SER A 143 2.48 -2.25 -7.60
CA SER A 143 3.41 -1.40 -8.34
C SER A 143 2.82 0.00 -8.53
N LEU A 144 1.59 0.07 -9.02
CA LEU A 144 0.94 1.37 -9.24
C LEU A 144 0.67 2.09 -7.92
N GLU A 145 0.26 1.35 -6.88
CA GLU A 145 -0.07 1.97 -5.61
C GLU A 145 1.17 2.61 -4.99
N HIS A 146 2.33 1.95 -5.14
CA HIS A 146 3.61 2.48 -4.67
C HIS A 146 4.00 3.71 -5.46
N VAL A 147 3.88 3.63 -6.79
CA VAL A 147 4.08 4.78 -7.67
C VAL A 147 3.15 5.92 -7.26
N ALA A 148 1.89 5.60 -6.99
CA ALA A 148 0.98 6.66 -6.58
C ALA A 148 1.40 7.30 -5.25
N ARG A 149 1.90 6.52 -4.29
CA ARG A 149 2.30 7.14 -3.03
C ARG A 149 3.45 8.09 -3.26
N THR A 150 4.46 7.67 -4.06
CA THR A 150 5.59 8.56 -4.29
C THR A 150 5.10 9.88 -4.82
N LEU A 151 4.08 9.86 -5.65
CA LEU A 151 3.70 11.11 -6.28
C LEU A 151 2.64 11.87 -5.50
N GLY A 152 2.10 11.30 -4.43
CA GLY A 152 0.93 11.89 -3.80
C GLY A 152 -0.40 11.71 -4.53
N LYS A 153 -0.63 10.62 -5.25
CA LYS A 153 -1.94 10.42 -5.88
C LYS A 153 -2.72 9.32 -5.17
N GLU A 154 -4.04 9.47 -5.11
CA GLU A 154 -4.90 8.39 -4.66
C GLU A 154 -5.15 7.41 -5.81
N VAL A 155 -5.63 6.21 -5.46
CA VAL A 155 -5.96 5.16 -6.44
C VAL A 155 -7.41 4.69 -6.18
N MET A 156 -8.33 5.01 -7.10
CA MET A 156 -9.67 4.44 -7.08
C MET A 156 -9.64 3.07 -7.77
N HIS A 157 -10.08 2.02 -7.07
CA HIS A 157 -10.16 0.71 -7.68
C HIS A 157 -11.62 0.51 -8.12
N ILE A 158 -11.82 0.34 -9.43
CA ILE A 158 -13.16 0.41 -10.03
C ILE A 158 -13.34 -0.81 -10.91
N GLU A 159 -14.48 -1.49 -10.76
CA GLU A 159 -14.78 -2.74 -11.44
C GLU A 159 -16.28 -2.81 -11.49
N ILE A 160 -16.79 -3.60 -12.47
CA ILE A 160 -18.21 -3.91 -12.48
C ILE A 160 -18.61 -4.58 -11.16
N GLY A 161 -19.84 -4.25 -10.70
CA GLY A 161 -20.31 -4.68 -9.40
C GLY A 161 -20.79 -6.12 -9.39
N PRO A 162 -21.25 -6.59 -8.21
CA PRO A 162 -21.83 -7.94 -8.14
C PRO A 162 -23.31 -8.01 -8.58
N LEU A 163 -24.01 -6.89 -8.72
CA LEU A 163 -25.38 -6.86 -9.26
C LEU A 163 -25.35 -6.19 -10.63
N ARG A 164 -25.90 -6.86 -11.65
CA ARG A 164 -25.70 -6.46 -13.05
C ARG A 164 -26.98 -6.60 -13.88
N ALA A 165 -27.13 -5.77 -14.91
CA ALA A 165 -28.25 -5.91 -15.87
C ALA A 165 -28.14 -7.26 -16.61
N PRO A 166 -29.27 -7.86 -17.06
CA PRO A 166 -30.64 -7.36 -16.94
C PRO A 166 -31.32 -7.81 -15.63
N MET A 167 -30.78 -8.78 -14.86
CA MET A 167 -31.46 -9.17 -13.62
C MET A 167 -31.58 -7.99 -12.66
N TYR A 168 -30.56 -7.15 -12.55
CA TYR A 168 -30.50 -6.06 -11.55
C TYR A 168 -30.20 -4.72 -12.22
N ARG A 169 -30.41 -3.63 -11.49
CA ARG A 169 -29.71 -2.38 -11.80
C ARG A 169 -28.20 -2.64 -11.90
N ASN A 170 -27.54 -2.02 -12.87
CA ASN A 170 -26.09 -2.13 -12.94
C ASN A 170 -25.44 -1.48 -11.73
N THR A 171 -24.49 -2.18 -11.11
CA THR A 171 -23.70 -1.60 -10.01
C THR A 171 -22.22 -1.71 -10.36
N ALA A 172 -21.39 -0.93 -9.65
CA ALA A 172 -19.94 -0.94 -9.82
C ALA A 172 -19.29 -0.79 -8.45
N TYR A 173 -18.05 -1.28 -8.33
CA TYR A 173 -17.24 -1.10 -7.13
C TYR A 173 -16.44 0.18 -7.25
N LEU A 174 -16.22 0.85 -6.12
CA LEU A 174 -15.28 1.99 -6.10
C LEU A 174 -14.68 2.01 -4.69
N ASP A 175 -13.37 1.75 -4.58
CA ASP A 175 -12.75 1.48 -3.30
C ASP A 175 -11.30 1.96 -3.37
N PHE A 176 -10.91 2.75 -2.37
CA PHE A 176 -9.59 3.42 -2.40
C PHE A 176 -8.42 2.49 -2.02
N ALA A 177 -8.71 1.36 -1.38
CA ALA A 177 -7.74 0.44 -0.83
C ALA A 177 -7.53 -0.78 -1.74
N GLY A 178 -8.65 -1.42 -2.20
CA GLY A 178 -8.69 -2.65 -3.00
C GLY A 178 -10.06 -2.98 -3.60
N VAL A 179 -10.10 -3.56 -4.80
CA VAL A 179 -11.32 -4.10 -5.41
C VAL A 179 -11.23 -5.62 -5.33
N ASN A 180 -12.30 -6.26 -4.83
CA ASN A 180 -12.32 -7.70 -4.53
C ASN A 180 -11.47 -8.13 -3.35
N GLY A 181 -10.15 -7.99 -3.47
CA GLY A 181 -9.23 -8.23 -2.36
C GLY A 181 -8.85 -6.94 -1.65
N GLY A 182 -8.51 -7.03 -0.37
CA GLY A 182 -8.14 -5.82 0.33
C GLY A 182 -9.17 -4.70 0.36
N THR A 183 -10.48 -5.02 0.32
CA THR A 183 -11.46 -3.93 0.27
C THR A 183 -11.63 -3.24 1.66
N GLU A 184 -12.26 -2.07 1.63
CA GLU A 184 -12.61 -1.26 2.80
C GLU A 184 -14.12 -1.23 3.08
N ALA A 185 -14.89 -2.16 2.51
CA ALA A 185 -16.33 -2.12 2.76
C ALA A 185 -16.61 -2.35 4.24
N SER A 186 -16.00 -3.39 4.85
CA SER A 186 -16.31 -3.61 6.26
C SER A 186 -15.86 -2.44 7.11
N ALA A 187 -14.79 -1.75 6.73
CA ALA A 187 -14.34 -0.69 7.65
C ALA A 187 -15.20 0.55 7.44
N ARG A 188 -15.67 0.80 6.22
CA ARG A 188 -16.60 1.93 6.08
C ARG A 188 -17.88 1.71 6.90
N TYR A 189 -18.42 0.48 6.92
CA TYR A 189 -19.64 0.19 7.66
C TYR A 189 -19.43 0.39 9.16
N GLU A 190 -18.31 -0.16 9.69
CA GLU A 190 -17.99 -0.05 11.12
C GLU A 190 -18.01 1.39 11.59
N LYS A 191 -17.53 2.33 10.77
CA LYS A 191 -17.58 3.75 11.13
C LYS A 191 -19.02 4.28 11.22
N CYS A 192 -19.97 3.80 10.40
CA CYS A 192 -21.33 4.37 10.43
C CYS A 192 -22.45 3.42 10.90
N GLN A 193 -22.16 2.19 11.32
CA GLN A 193 -23.23 1.25 11.71
C GLN A 193 -24.28 1.86 12.63
N ALA A 194 -23.90 2.80 13.52
CA ALA A 194 -24.86 3.36 14.48
C ALA A 194 -25.96 4.21 13.84
N GLU A 195 -25.74 4.72 12.62
CA GLU A 195 -26.69 5.52 11.85
C GLU A 195 -27.71 4.67 11.06
N PHE A 196 -27.59 3.32 11.10
CA PHE A 196 -28.38 2.40 10.28
C PHE A 196 -29.44 1.69 11.10
N ASP A 197 -30.71 2.00 10.80
CA ASP A 197 -31.86 1.40 11.42
C ASP A 197 -32.86 1.20 10.24
N ILE A 198 -32.59 0.19 9.42
CA ILE A 198 -33.36 -0.07 8.20
C ILE A 198 -34.55 -0.96 8.52
N LYS A 199 -35.76 -0.45 8.30
CA LYS A 199 -37.00 -1.19 8.57
C LYS A 199 -37.48 -2.00 7.35
N ALA A 200 -36.64 -2.96 6.95
CA ALA A 200 -36.89 -3.81 5.78
C ALA A 200 -36.21 -5.16 6.00
N SER A 201 -36.66 -6.16 5.25
CA SER A 201 -35.94 -7.42 5.32
C SER A 201 -34.83 -7.44 4.29
N LEU A 202 -34.03 -8.50 4.34
CA LEU A 202 -33.05 -8.75 3.30
C LEU A 202 -33.73 -8.90 1.92
N GLY A 203 -34.84 -9.62 1.87
CA GLY A 203 -35.65 -9.74 0.63
C GLY A 203 -36.10 -8.42 0.03
N ASP A 204 -36.56 -7.48 0.87
CA ASP A 204 -36.90 -6.13 0.38
C ASP A 204 -35.67 -5.40 -0.16
N LEU A 205 -34.50 -5.55 0.49
CA LEU A 205 -33.31 -4.98 -0.14
C LEU A 205 -33.13 -5.55 -1.54
N HIS A 206 -33.31 -6.85 -1.68
CA HIS A 206 -33.04 -7.52 -2.94
C HIS A 206 -33.99 -7.03 -4.01
N ASN A 207 -35.28 -6.88 -3.65
CA ASN A 207 -36.32 -6.43 -4.58
C ASN A 207 -36.06 -5.03 -5.10
N TYR A 208 -35.59 -4.13 -4.23
CA TYR A 208 -35.24 -2.79 -4.70
C TYR A 208 -34.32 -2.81 -5.92
N PHE A 209 -33.35 -3.74 -5.92
CA PHE A 209 -32.38 -3.89 -7.02
C PHE A 209 -32.81 -4.84 -8.15
N LEU A 210 -33.67 -5.82 -7.90
CA LEU A 210 -34.17 -6.69 -8.97
C LEU A 210 -34.90 -5.87 -10.03
N GLU A 211 -34.61 -6.08 -11.32
CA GLU A 211 -35.32 -5.33 -12.35
C GLU A 211 -36.29 -6.21 -13.13
N VAL A 212 -36.39 -7.46 -12.76
CA VAL A 212 -37.22 -8.46 -13.40
C VAL A 212 -38.24 -8.97 -12.39
N LEU A 213 -39.30 -9.60 -12.91
CA LEU A 213 -40.08 -10.51 -12.07
C LEU A 213 -39.15 -11.62 -11.57
N PRO A 214 -39.18 -11.95 -10.27
CA PRO A 214 -38.32 -13.03 -9.79
C PRO A 214 -38.84 -14.37 -10.29
N PRO A 215 -37.97 -15.39 -10.39
CA PRO A 215 -38.45 -16.72 -10.82
C PRO A 215 -39.46 -17.25 -9.81
N ALA A 216 -39.02 -17.46 -8.55
CA ALA A 216 -39.87 -17.71 -7.39
C ALA A 216 -40.61 -19.06 -7.40
N GLU A 217 -39.88 -20.18 -7.37
CA GLU A 217 -40.47 -21.51 -7.32
C GLU A 217 -39.82 -22.31 -6.19
N ALA A 218 -39.90 -21.79 -4.97
CA ALA A 218 -39.39 -22.48 -3.79
C ALA A 218 -40.28 -23.69 -3.51
N ALA A 219 -40.12 -24.72 -4.33
CA ALA A 219 -40.80 -26.01 -4.13
C ALA A 219 -40.06 -27.03 -4.99
N THR A 220 -39.39 -27.99 -4.33
CA THR A 220 -38.33 -28.84 -4.89
C THR A 220 -36.99 -28.23 -4.51
N HIS A 221 -36.09 -29.01 -3.91
CA HIS A 221 -34.88 -28.42 -3.34
C HIS A 221 -33.72 -29.40 -3.32
N SER A 222 -32.52 -28.83 -3.30
CA SER A 222 -31.28 -29.53 -3.01
C SER A 222 -30.71 -28.96 -1.73
N ALA A 223 -30.30 -29.86 -0.83
CA ALA A 223 -29.75 -29.41 0.45
C ALA A 223 -28.59 -28.45 0.24
N ALA A 224 -27.78 -28.66 -0.81
CA ALA A 224 -26.57 -27.84 -1.00
C ALA A 224 -26.44 -27.41 -2.45
N GLY A 225 -26.26 -26.11 -2.69
CA GLY A 225 -25.85 -25.58 -3.97
C GLY A 225 -24.39 -25.12 -3.92
N VAL A 226 -23.63 -25.50 -4.95
CA VAL A 226 -22.23 -25.11 -5.10
C VAL A 226 -22.13 -24.17 -6.28
N VAL A 227 -21.43 -23.04 -6.09
CA VAL A 227 -21.21 -22.02 -7.12
C VAL A 227 -19.82 -22.18 -7.67
N LEU A 228 -19.68 -22.41 -8.97
CA LEU A 228 -18.34 -22.44 -9.54
C LEU A 228 -18.03 -21.08 -10.18
N GLN A 229 -16.73 -20.77 -10.32
CA GLN A 229 -16.34 -19.48 -10.85
C GLN A 229 -15.44 -19.67 -12.06
N VAL A 230 -15.14 -18.58 -12.75
CA VAL A 230 -14.16 -18.67 -13.82
C VAL A 230 -12.78 -18.97 -13.24
N GLU A 231 -12.12 -19.96 -13.83
CA GLU A 231 -11.02 -20.61 -13.15
C GLU A 231 -9.83 -19.70 -13.02
N ASP A 232 -9.61 -18.81 -13.98
CA ASP A 232 -8.46 -17.92 -13.93
C ASP A 232 -8.88 -16.47 -13.74
N ASN A 233 -10.05 -16.22 -13.13
CA ASN A 233 -10.45 -14.89 -12.72
C ASN A 233 -9.56 -14.38 -11.57
N SER A 234 -9.31 -13.05 -11.53
CA SER A 234 -8.50 -12.45 -10.46
C SER A 234 -8.93 -12.93 -9.07
N ASN A 235 -10.26 -13.00 -8.81
CA ASN A 235 -10.87 -13.59 -7.61
C ASN A 235 -10.36 -14.99 -7.26
N LEU A 236 -10.22 -15.84 -8.27
CA LEU A 236 -9.75 -17.22 -8.10
C LEU A 236 -8.23 -17.39 -8.14
N ILE A 237 -7.49 -16.36 -8.53
CA ILE A 237 -6.02 -16.39 -8.56
C ILE A 237 -5.45 -15.86 -7.24
N ALA A 238 -5.97 -14.74 -6.76
CA ALA A 238 -5.33 -13.96 -5.70
C ALA A 238 -6.12 -13.92 -4.40
N TYR A 239 -7.45 -13.90 -4.44
CA TYR A 239 -8.21 -13.64 -3.22
C TYR A 239 -8.97 -14.87 -2.77
N ASN A 240 -8.55 -16.05 -3.23
CA ASN A 240 -9.32 -17.28 -3.07
C ASN A 240 -8.92 -18.09 -1.85
N HIS A 241 -7.94 -17.65 -1.05
CA HIS A 241 -7.35 -18.48 0.02
C HIS A 241 -6.98 -19.89 -0.41
N ASP A 242 -6.42 -20.06 -1.62
CA ASP A 242 -6.02 -21.36 -2.21
C ASP A 242 -7.19 -22.31 -2.54
N PHE A 243 -8.43 -21.89 -2.37
CA PHE A 243 -9.53 -22.72 -2.83
C PHE A 243 -9.64 -22.66 -4.35
N THR A 244 -10.02 -23.77 -4.96
CA THR A 244 -10.26 -23.83 -6.39
C THR A 244 -11.66 -24.41 -6.59
N ASN A 245 -12.13 -24.44 -7.84
CA ASN A 245 -13.44 -25.06 -8.09
C ASN A 245 -13.48 -26.49 -7.57
N ILE A 246 -12.41 -27.26 -7.80
CA ILE A 246 -12.43 -28.68 -7.44
C ILE A 246 -12.28 -28.85 -5.92
N SER A 247 -11.45 -28.03 -5.23
CA SER A 247 -11.43 -28.22 -3.77
C SER A 247 -12.72 -27.69 -3.13
N LEU A 248 -13.40 -26.72 -3.74
CA LEU A 248 -14.71 -26.33 -3.25
C LEU A 248 -15.68 -27.51 -3.30
N LEU A 249 -15.70 -28.26 -4.42
CA LEU A 249 -16.60 -29.43 -4.48
C LEU A 249 -16.20 -30.46 -3.44
N SER A 250 -14.90 -30.66 -3.25
CA SER A 250 -14.55 -31.65 -2.25
C SER A 250 -14.90 -31.17 -0.85
N TYR A 251 -14.78 -29.86 -0.60
CA TYR A 251 -15.30 -29.28 0.63
C TYR A 251 -16.78 -29.65 0.83
N VAL A 252 -17.62 -29.39 -0.16
CA VAL A 252 -19.04 -29.75 -0.07
C VAL A 252 -19.25 -31.26 0.08
N ARG A 253 -18.45 -32.11 -0.62
CA ARG A 253 -18.67 -33.55 -0.52
C ARG A 253 -18.28 -34.12 0.83
N GLN A 254 -17.48 -33.41 1.63
CA GLN A 254 -17.26 -33.91 3.00
C GLN A 254 -18.54 -33.86 3.81
N ARG A 255 -19.46 -32.96 3.44
CA ARG A 255 -20.61 -32.56 4.23
C ARG A 255 -21.93 -33.14 3.74
N TYR A 256 -22.10 -33.36 2.42
CA TYR A 256 -23.30 -33.91 1.82
C TYR A 256 -22.99 -35.07 0.90
N GLU A 257 -23.90 -36.05 0.82
CA GLU A 257 -23.79 -37.05 -0.23
C GLU A 257 -23.99 -36.42 -1.60
N LYS A 258 -23.53 -37.10 -2.64
CA LYS A 258 -23.53 -36.48 -3.96
C LYS A 258 -24.94 -36.31 -4.51
N GLU A 259 -25.90 -37.13 -4.06
CA GLU A 259 -27.32 -36.93 -4.41
C GLU A 259 -27.94 -35.69 -3.77
N ASP A 260 -27.24 -34.96 -2.90
CA ASP A 260 -27.85 -33.79 -2.26
C ASP A 260 -27.21 -32.51 -2.70
N ILE A 261 -26.45 -32.55 -3.79
CA ILE A 261 -25.62 -31.43 -4.20
C ILE A 261 -26.03 -31.01 -5.59
N LEU A 262 -26.23 -29.73 -5.78
CA LEU A 262 -26.57 -29.16 -7.07
C LEU A 262 -25.46 -28.21 -7.46
N VAL A 263 -24.84 -28.42 -8.63
CA VAL A 263 -23.65 -27.63 -8.98
C VAL A 263 -23.93 -26.77 -10.21
N ARG A 264 -23.68 -25.44 -10.09
CA ARG A 264 -23.80 -24.52 -11.22
C ARG A 264 -22.40 -24.07 -11.68
N ALA A 265 -21.99 -24.55 -12.85
CA ALA A 265 -20.83 -23.99 -13.52
C ALA A 265 -21.07 -22.51 -13.84
N HIS A 266 -19.97 -21.73 -13.92
CA HIS A 266 -20.04 -20.33 -14.39
C HIS A 266 -20.27 -20.34 -15.90
N PRO A 267 -21.35 -19.74 -16.42
CA PRO A 267 -21.50 -19.61 -17.90
C PRO A 267 -20.24 -19.14 -18.59
N GLY A 268 -19.42 -18.27 -17.94
CA GLY A 268 -18.28 -17.79 -18.74
C GLY A 268 -17.06 -18.66 -18.71
N SER A 269 -17.09 -19.72 -17.92
CA SER A 269 -15.94 -20.62 -17.80
C SER A 269 -15.71 -21.40 -19.10
N LEU A 270 -14.48 -21.83 -19.27
CA LEU A 270 -14.19 -22.69 -20.40
C LEU A 270 -14.73 -24.08 -20.19
N PHE A 271 -15.05 -24.42 -18.95
CA PHE A 271 -15.32 -25.79 -18.58
C PHE A 271 -16.78 -25.94 -18.16
N ARG A 272 -17.39 -27.05 -18.53
CA ARG A 272 -18.70 -27.44 -18.04
C ARG A 272 -18.59 -28.78 -17.31
N LEU A 273 -19.63 -29.12 -16.56
CA LEU A 273 -19.62 -30.33 -15.77
C LEU A 273 -20.20 -31.51 -16.55
N ARG A 274 -19.49 -32.63 -16.47
CA ARG A 274 -20.01 -33.87 -16.99
C ARG A 274 -21.23 -34.28 -16.17
N ASP A 275 -22.16 -34.94 -16.86
CA ASP A 275 -23.44 -35.36 -16.30
C ASP A 275 -23.32 -36.80 -15.76
N ASP A 276 -22.45 -36.96 -14.77
CA ASP A 276 -22.08 -38.31 -14.34
C ASP A 276 -22.26 -38.49 -12.83
N VAL A 277 -21.74 -37.55 -12.01
CA VAL A 277 -21.62 -37.74 -10.57
C VAL A 277 -22.53 -36.80 -9.78
N PHE A 278 -22.53 -35.51 -10.10
CA PHE A 278 -23.37 -34.55 -9.42
C PHE A 278 -24.58 -34.21 -10.29
N THR A 279 -25.62 -33.68 -9.65
CA THR A 279 -26.72 -33.07 -10.39
C THR A 279 -26.26 -31.68 -10.85
N ILE A 280 -26.18 -31.50 -12.17
CA ILE A 280 -25.68 -30.25 -12.76
C ILE A 280 -26.86 -29.32 -12.96
N ASP A 281 -26.80 -28.12 -12.35
CA ASP A 281 -27.83 -27.10 -12.56
C ASP A 281 -27.89 -26.68 -14.03
N ASP A 282 -29.10 -26.43 -14.54
CA ASP A 282 -29.31 -25.80 -15.86
C ASP A 282 -30.37 -24.68 -15.79
N SER A 283 -30.34 -23.87 -14.74
CA SER A 283 -31.20 -22.70 -14.67
C SER A 283 -30.76 -21.65 -15.69
N ALA A 284 -31.72 -20.87 -16.18
CA ALA A 284 -31.40 -19.75 -17.08
C ALA A 284 -30.60 -18.63 -16.39
N ASN A 285 -30.49 -18.62 -15.06
CA ASN A 285 -29.84 -17.51 -14.39
C ASN A 285 -29.51 -17.89 -12.94
N SER A 286 -28.53 -17.20 -12.34
CA SER A 286 -28.07 -17.71 -11.03
C SER A 286 -29.11 -17.57 -9.93
N LEU A 287 -30.03 -16.61 -10.05
CA LEU A 287 -31.03 -16.43 -9.01
C LEU A 287 -31.97 -17.64 -8.91
N ALA A 288 -32.44 -18.16 -10.05
CA ALA A 288 -33.28 -19.35 -10.08
C ALA A 288 -32.50 -20.60 -9.65
N PHE A 289 -31.17 -20.62 -9.87
CA PHE A 289 -30.36 -21.70 -9.32
C PHE A 289 -30.38 -21.66 -7.79
N ILE A 290 -30.02 -20.52 -7.21
CA ILE A 290 -30.02 -20.32 -5.76
C ILE A 290 -31.38 -20.72 -5.15
N ASN A 291 -32.48 -20.30 -5.74
CA ASN A 291 -33.77 -20.55 -5.07
C ASN A 291 -34.12 -22.04 -4.95
N GLN A 292 -33.43 -22.91 -5.70
CA GLN A 292 -33.54 -24.36 -5.58
C GLN A 292 -32.73 -24.98 -4.44
N CYS A 293 -31.90 -24.21 -3.72
CA CYS A 293 -30.98 -24.75 -2.73
C CYS A 293 -31.33 -24.30 -1.32
N ASN A 294 -31.14 -25.22 -0.36
CA ASN A 294 -31.25 -24.88 1.06
C ASN A 294 -30.08 -24.01 1.52
N GLU A 295 -28.85 -24.45 1.25
CA GLU A 295 -27.69 -23.59 1.50
C GLU A 295 -26.77 -23.56 0.28
N VAL A 296 -25.94 -22.50 0.27
CA VAL A 296 -25.10 -22.19 -0.85
C VAL A 296 -23.64 -22.05 -0.42
N PHE A 297 -22.74 -22.61 -1.24
CA PHE A 297 -21.32 -22.64 -0.98
C PHE A 297 -20.64 -21.97 -2.15
N THR A 298 -19.70 -21.07 -1.84
CA THR A 298 -18.99 -20.27 -2.84
C THR A 298 -17.60 -19.95 -2.31
N ILE A 299 -16.66 -19.62 -3.24
CA ILE A 299 -15.35 -19.06 -2.87
C ILE A 299 -15.54 -17.55 -2.65
N ASN A 300 -15.74 -16.79 -3.74
CA ASN A 300 -16.04 -15.36 -3.63
C ASN A 300 -16.78 -14.82 -4.85
N SER A 301 -17.72 -15.59 -5.39
CA SER A 301 -18.47 -15.20 -6.58
C SER A 301 -19.53 -14.14 -6.22
N SER A 302 -19.82 -13.24 -7.17
CA SER A 302 -20.98 -12.34 -6.98
C SER A 302 -22.22 -13.08 -6.56
N VAL A 303 -22.38 -14.33 -6.99
CA VAL A 303 -23.65 -15.05 -6.67
C VAL A 303 -23.83 -15.25 -5.17
N GLY A 304 -22.72 -15.28 -4.40
CA GLY A 304 -22.84 -15.38 -2.94
C GLY A 304 -23.61 -14.21 -2.34
N LEU A 305 -23.47 -13.01 -2.92
CA LEU A 305 -24.23 -11.89 -2.40
C LEU A 305 -25.72 -12.13 -2.61
N GLU A 306 -26.04 -12.61 -3.82
CA GLU A 306 -27.40 -12.97 -4.21
C GLU A 306 -27.99 -13.98 -3.23
N ALA A 307 -27.22 -15.03 -2.89
CA ALA A 307 -27.65 -15.97 -1.85
C ALA A 307 -27.87 -15.30 -0.51
N ILE A 308 -27.07 -14.28 -0.19
CA ILE A 308 -27.29 -13.65 1.11
C ILE A 308 -28.53 -12.76 1.09
N LEU A 309 -28.75 -12.03 -0.02
CA LEU A 309 -29.94 -11.17 -0.08
C LEU A 309 -31.24 -11.98 -0.13
N THR A 310 -31.24 -13.22 -0.61
CA THR A 310 -32.48 -14.01 -0.53
C THR A 310 -32.62 -14.84 0.76
N GLY A 311 -31.84 -14.59 1.81
CA GLY A 311 -32.03 -15.27 3.11
C GLY A 311 -31.41 -16.65 3.27
N LYS A 312 -30.60 -17.11 2.32
CA LYS A 312 -30.04 -18.46 2.34
C LYS A 312 -28.84 -18.56 3.27
N LYS A 313 -28.69 -19.71 3.90
CA LYS A 313 -27.45 -19.99 4.62
C LYS A 313 -26.31 -20.03 3.61
N THR A 314 -25.32 -19.17 3.79
CA THR A 314 -24.28 -19.08 2.77
C THR A 314 -22.91 -19.30 3.42
N THR A 315 -22.06 -20.07 2.74
CA THR A 315 -20.66 -20.28 3.14
C THR A 315 -19.80 -19.64 2.06
N VAL A 316 -18.90 -18.76 2.49
CA VAL A 316 -18.05 -17.92 1.65
C VAL A 316 -16.61 -18.28 2.03
N LEU A 317 -15.87 -19.00 1.17
CA LEU A 317 -14.56 -19.50 1.60
C LEU A 317 -13.40 -18.57 1.22
N GLY A 318 -13.60 -17.61 0.29
CA GLY A 318 -12.55 -16.70 -0.10
C GLY A 318 -12.82 -15.28 0.44
N ASP A 319 -11.85 -14.40 0.21
CA ASP A 319 -12.04 -12.98 0.51
C ASP A 319 -12.89 -12.29 -0.54
N CYS A 320 -13.76 -11.39 -0.08
CA CYS A 320 -14.60 -10.61 -0.99
C CYS A 320 -15.14 -9.40 -0.24
N SER A 321 -15.74 -8.49 -1.00
CA SER A 321 -16.22 -7.22 -0.45
C SER A 321 -17.44 -7.41 0.46
N TYR A 322 -18.24 -8.46 0.26
CA TYR A 322 -19.51 -8.63 0.94
C TYR A 322 -19.47 -9.63 2.12
N ALA A 323 -18.32 -10.32 2.35
CA ALA A 323 -18.20 -11.36 3.37
C ALA A 323 -18.66 -10.86 4.72
N PHE A 324 -18.28 -9.62 5.08
CA PHE A 324 -18.57 -9.11 6.42
C PHE A 324 -20.07 -9.12 6.71
N ILE A 325 -20.91 -8.89 5.69
CA ILE A 325 -22.37 -9.02 5.88
C ILE A 325 -22.71 -10.40 6.41
N ASN A 326 -22.16 -11.45 5.79
CA ASN A 326 -22.50 -12.81 6.16
C ASN A 326 -22.05 -13.14 7.59
N GLU A 327 -20.92 -12.56 8.04
CA GLU A 327 -20.31 -12.88 9.31
C GLU A 327 -21.06 -12.28 10.49
N LEU A 328 -22.02 -11.40 10.26
CA LEU A 328 -22.77 -10.81 11.38
C LEU A 328 -23.76 -11.81 11.95
N ALA A 329 -24.04 -11.66 13.26
CA ALA A 329 -24.87 -12.58 14.04
C ALA A 329 -26.36 -12.30 13.88
N GLY A 330 -26.83 -11.17 14.45
CA GLY A 330 -28.26 -10.90 14.48
C GLY A 330 -28.86 -10.68 13.10
N ALA A 331 -30.17 -10.97 12.98
CA ALA A 331 -30.89 -10.78 11.71
C ALA A 331 -30.98 -9.30 11.34
N SER A 332 -31.25 -8.46 12.33
CA SER A 332 -31.30 -7.02 12.14
C SER A 332 -29.93 -6.45 11.79
N ALA A 333 -28.89 -6.87 12.53
CA ALA A 333 -27.53 -6.45 12.22
C ALA A 333 -27.20 -6.73 10.76
N THR A 334 -27.61 -7.90 10.25
CA THR A 334 -27.31 -8.28 8.88
C THR A 334 -28.04 -7.39 7.87
N VAL A 335 -29.31 -7.07 8.14
CA VAL A 335 -30.05 -6.17 7.25
C VAL A 335 -29.34 -4.83 7.15
N ASN A 336 -28.99 -4.24 8.29
CA ASN A 336 -28.37 -2.93 8.25
C ASN A 336 -27.06 -2.96 7.49
N ALA A 337 -26.23 -4.00 7.71
CA ALA A 337 -24.95 -4.06 7.01
C ALA A 337 -25.15 -4.19 5.51
N ALA A 338 -26.15 -4.99 5.09
CA ALA A 338 -26.43 -5.17 3.67
C ALA A 338 -26.94 -3.86 3.05
N ALA A 339 -27.78 -3.10 3.79
CA ALA A 339 -28.29 -1.85 3.23
C ALA A 339 -27.15 -0.84 3.02
N PHE A 340 -26.29 -0.67 4.02
CA PHE A 340 -25.09 0.13 3.78
C PHE A 340 -24.31 -0.39 2.57
N TYR A 341 -24.08 -1.72 2.50
CA TYR A 341 -23.36 -2.28 1.34
C TYR A 341 -23.95 -1.82 0.00
N LEU A 342 -25.27 -2.10 -0.20
CA LEU A 342 -25.95 -1.87 -1.48
C LEU A 342 -26.10 -0.39 -1.78
N PHE A 343 -26.34 0.43 -0.75
CA PHE A 343 -26.70 1.81 -1.01
C PHE A 343 -25.51 2.77 -0.94
N SER A 344 -24.40 2.35 -0.35
CA SER A 344 -23.28 3.25 -0.09
C SER A 344 -21.93 2.69 -0.54
N TYR A 345 -21.66 1.39 -0.33
CA TYR A 345 -20.44 0.79 -0.87
C TYR A 345 -20.54 0.64 -2.39
N LEU A 346 -21.52 -0.13 -2.88
CA LEU A 346 -21.76 -0.19 -4.33
C LEU A 346 -22.18 1.19 -4.85
N VAL A 347 -21.86 1.45 -6.12
CA VAL A 347 -22.16 2.70 -6.82
C VAL A 347 -23.05 2.38 -8.04
N PRO A 348 -24.03 3.22 -8.39
CA PRO A 348 -24.76 2.99 -9.65
C PRO A 348 -23.74 2.98 -10.78
N PHE A 349 -23.89 2.03 -11.71
CA PHE A 349 -22.76 1.62 -12.54
C PHE A 349 -22.18 2.81 -13.33
N ASP A 350 -23.06 3.69 -13.82
CA ASP A 350 -22.63 4.72 -14.76
C ASP A 350 -21.86 5.81 -14.06
N LEU A 351 -22.10 6.00 -12.76
CA LEU A 351 -21.44 7.11 -12.06
C LEU A 351 -19.92 6.94 -11.99
N VAL A 352 -19.41 5.69 -11.99
CA VAL A 352 -17.97 5.48 -11.81
C VAL A 352 -17.19 5.84 -13.08
N PHE A 353 -17.90 6.07 -14.19
CA PHE A 353 -17.38 6.64 -15.42
C PHE A 353 -17.77 8.09 -15.57
N ASN A 354 -18.48 8.65 -14.59
CA ASN A 354 -18.92 10.04 -14.65
C ASN A 354 -17.86 10.87 -13.94
N GLN A 355 -17.27 11.85 -14.64
CA GLN A 355 -16.13 12.58 -14.09
C GLN A 355 -16.51 13.48 -12.89
N GLU A 356 -17.70 14.11 -12.89
CA GLU A 356 -18.04 14.92 -11.71
C GLU A 356 -18.33 14.07 -10.48
N TYR A 357 -18.87 12.87 -10.65
CA TYR A 357 -19.12 12.05 -9.48
C TYR A 357 -17.80 11.57 -8.90
N LEU A 358 -16.83 11.28 -9.78
CA LEU A 358 -15.48 10.95 -9.35
C LEU A 358 -14.85 12.11 -8.57
N LYS A 359 -15.06 13.35 -9.01
CA LYS A 359 -14.52 14.45 -8.21
C LYS A 359 -15.17 14.47 -6.82
N PHE A 360 -16.49 14.35 -6.77
CA PHE A 360 -17.23 14.18 -5.53
C PHE A 360 -16.59 13.14 -4.57
N ARG A 361 -16.40 11.90 -5.03
CA ARG A 361 -15.81 10.88 -4.15
C ARG A 361 -14.37 11.23 -3.74
N LEU A 362 -13.63 11.91 -4.63
CA LEU A 362 -12.26 12.32 -4.36
C LEU A 362 -12.21 13.31 -3.20
N GLY A 363 -13.32 13.98 -2.87
CA GLY A 363 -13.30 14.79 -1.66
C GLY A 363 -13.66 14.04 -0.38
N HIS A 364 -13.89 12.73 -0.45
CA HIS A 364 -14.23 11.94 0.73
C HIS A 364 -15.41 12.47 1.57
N PRO A 365 -16.59 12.66 0.95
CA PRO A 365 -17.74 13.20 1.70
C PRO A 365 -18.29 12.17 2.67
N GLU A 366 -19.23 12.61 3.50
CA GLU A 366 -19.82 11.76 4.52
C GLU A 366 -20.72 10.70 3.89
N GLU A 367 -20.96 9.62 4.63
CA GLU A 367 -21.72 8.49 4.11
C GLU A 367 -23.13 8.92 3.73
N ARG A 368 -23.68 9.90 4.47
CA ARG A 368 -25.00 10.45 4.17
C ARG A 368 -25.02 11.09 2.78
N GLU A 369 -23.99 11.90 2.46
CA GLU A 369 -23.85 12.48 1.12
C GLU A 369 -23.71 11.39 0.07
N ILE A 370 -22.90 10.38 0.35
CA ILE A 370 -22.73 9.35 -0.68
C ILE A 370 -24.05 8.61 -0.92
N VAL A 371 -24.80 8.29 0.15
CA VAL A 371 -26.04 7.55 -0.01
C VAL A 371 -27.07 8.42 -0.71
N GLY A 372 -27.12 9.71 -0.39
CA GLY A 372 -28.08 10.59 -1.04
C GLY A 372 -27.83 10.77 -2.54
N LYS A 373 -26.58 10.66 -2.99
CA LYS A 373 -26.30 10.83 -4.42
C LYS A 373 -26.60 9.56 -5.22
N HIS A 374 -26.34 8.39 -4.65
CA HIS A 374 -26.75 7.13 -5.27
C HIS A 374 -28.29 7.03 -5.40
N ILE A 375 -29.03 7.34 -4.32
CA ILE A 375 -30.49 7.23 -4.35
C ILE A 375 -31.08 8.21 -5.35
N GLU A 376 -30.48 9.41 -5.50
CA GLU A 376 -30.98 10.35 -6.51
C GLU A 376 -30.85 9.75 -7.90
N PHE A 377 -29.67 9.18 -8.21
CA PHE A 377 -29.48 8.50 -9.50
C PHE A 377 -30.51 7.39 -9.67
N TYR A 378 -30.68 6.56 -8.64
CA TYR A 378 -31.60 5.43 -8.70
C TYR A 378 -33.06 5.86 -8.89
N SER A 379 -33.47 6.99 -8.34
CA SER A 379 -34.86 7.38 -8.34
C SER A 379 -35.25 8.24 -9.53
N ALA A 380 -34.29 8.63 -10.37
CA ALA A 380 -34.55 9.49 -11.53
C ALA A 380 -35.39 8.76 -12.60
N HIS A 391 -32.97 15.22 6.67
CA HIS A 391 -33.21 13.86 6.17
C HIS A 391 -32.02 12.92 6.47
N SER A 392 -32.19 12.10 7.52
CA SER A 392 -31.11 11.23 8.01
C SER A 392 -30.77 10.15 6.99
N LEU A 393 -29.70 9.42 7.26
CA LEU A 393 -29.31 8.37 6.34
C LEU A 393 -30.30 7.21 6.39
N SER A 394 -30.78 6.85 7.58
CA SER A 394 -31.73 5.75 7.68
C SER A 394 -33.04 6.07 7.01
N SER A 395 -33.52 7.32 7.14
CA SER A 395 -34.80 7.67 6.53
C SER A 395 -34.68 7.87 5.02
N LEU A 396 -33.49 8.25 4.51
CA LEU A 396 -33.26 8.22 3.07
C LEU A 396 -33.54 6.84 2.48
N ILE A 397 -32.93 5.80 3.06
CA ILE A 397 -33.04 4.44 2.53
C ILE A 397 -34.44 3.87 2.79
N ASN A 398 -34.94 4.01 4.03
CA ASN A 398 -36.28 3.53 4.36
C ASN A 398 -37.33 4.09 3.42
N GLU A 399 -37.19 5.36 3.05
CA GLU A 399 -38.18 5.94 2.14
C GLU A 399 -37.94 5.48 0.71
N ALA A 400 -36.66 5.37 0.31
CA ALA A 400 -36.37 4.83 -1.00
C ALA A 400 -37.05 3.47 -1.17
N ILE A 401 -36.85 2.58 -0.20
CA ILE A 401 -37.50 1.27 -0.22
C ILE A 401 -39.02 1.40 -0.27
N SER A 402 -39.55 2.27 0.56
CA SER A 402 -40.99 2.40 0.70
C SER A 402 -41.62 2.99 -0.57
N LEU A 403 -40.98 4.01 -1.15
CA LEU A 403 -41.52 4.61 -2.37
C LEU A 403 -41.33 3.71 -3.57
N GLU A 404 -40.15 3.10 -3.72
CA GLU A 404 -39.92 2.27 -4.89
C GLU A 404 -40.95 1.14 -4.97
N HIS A 405 -41.38 0.62 -3.82
CA HIS A 405 -42.30 -0.51 -3.80
C HIS A 405 -43.74 -0.18 -4.20
N GLY B 2 -2.92 19.83 10.10
CA GLY B 2 -2.60 19.15 11.35
C GLY B 2 -1.82 17.89 11.10
N LEU B 3 -0.90 17.54 12.00
CA LEU B 3 -0.15 16.30 11.87
C LEU B 3 -0.79 15.21 12.73
N ALA B 4 -0.81 13.99 12.24
CA ALA B 4 -1.20 12.85 13.07
C ALA B 4 0.02 11.93 13.13
N VAL B 5 0.69 11.95 14.26
CA VAL B 5 1.96 11.26 14.44
C VAL B 5 1.70 9.92 15.13
N PHE B 6 2.10 8.84 14.48
CA PHE B 6 1.81 7.48 14.93
C PHE B 6 3.04 6.97 15.68
N LEU B 7 2.93 6.79 17.00
CA LEU B 7 4.04 6.28 17.81
C LEU B 7 3.55 5.09 18.64
N PRO B 8 3.58 3.89 18.06
CA PRO B 8 2.85 2.79 18.67
C PRO B 8 3.58 2.28 19.91
N PRO B 9 2.84 1.78 20.90
CA PRO B 9 3.45 1.44 22.19
C PRO B 9 3.86 -0.02 22.35
N TYR B 10 3.71 -0.84 21.32
CA TYR B 10 4.02 -2.27 21.40
C TYR B 10 5.50 -2.50 21.67
N PRO B 11 5.90 -3.12 22.85
CA PRO B 11 7.32 -3.34 23.16
C PRO B 11 7.87 -4.65 22.57
N PHE B 12 7.88 -4.71 21.22
CA PHE B 12 8.26 -5.92 20.47
C PHE B 12 9.66 -6.41 20.84
N ARG B 13 10.59 -5.49 21.08
CA ARG B 13 11.92 -5.88 21.55
C ARG B 13 12.05 -5.79 23.05
N GLY B 14 10.95 -5.63 23.80
CA GLY B 14 11.01 -5.65 25.26
C GLY B 14 11.04 -4.31 25.99
N LEU B 15 11.12 -3.18 25.29
CA LEU B 15 11.25 -1.87 25.91
C LEU B 15 9.99 -1.01 25.72
N LYS B 16 9.44 -0.48 26.82
CA LYS B 16 8.21 0.29 26.73
C LYS B 16 8.48 1.70 26.17
N ALA B 17 7.45 2.30 25.58
CA ALA B 17 7.58 3.57 24.88
C ALA B 17 8.81 3.58 23.96
N PRO B 18 8.89 2.62 23.01
CA PRO B 18 10.15 2.49 22.24
C PRO B 18 10.49 3.72 21.38
N TYR B 19 9.53 4.58 21.05
CA TYR B 19 9.80 5.71 20.18
C TYR B 19 9.69 7.03 20.91
N LEU B 20 9.93 6.99 22.22
CA LEU B 20 9.85 8.15 23.12
C LEU B 20 10.63 9.38 22.62
N TRP B 21 11.81 9.19 21.99
CA TRP B 21 12.58 10.39 21.63
C TRP B 21 11.82 11.21 20.58
N MET B 22 11.17 10.53 19.61
CA MET B 22 10.44 11.25 18.58
C MET B 22 9.20 11.93 19.15
N PHE B 23 8.54 11.33 20.13
CA PHE B 23 7.44 12.01 20.79
C PHE B 23 7.92 13.31 21.44
N TYR B 24 9.10 13.30 22.06
CA TYR B 24 9.58 14.54 22.69
C TYR B 24 10.07 15.53 21.65
N LYS B 25 10.79 15.06 20.62
CA LYS B 25 11.26 15.97 19.59
C LYS B 25 10.08 16.74 18.98
N TYR B 26 8.99 16.03 18.62
CA TYR B 26 7.82 16.66 18.00
C TYR B 26 7.15 17.68 18.92
N LEU B 27 6.87 17.30 20.18
CA LEU B 27 6.41 18.27 21.19
C LEU B 27 7.25 19.56 21.22
N HIS B 28 8.57 19.43 21.35
CA HIS B 28 9.46 20.59 21.57
C HIS B 28 9.52 21.53 20.35
N CSO B 29 9.32 21.00 19.15
CA CSO B 29 9.42 21.78 17.91
CB CSO B 29 10.05 20.95 16.78
SG CSO B 29 11.85 21.02 16.83
C CSO B 29 8.09 22.33 17.45
O CSO B 29 8.03 23.08 16.48
OD CSO B 29 12.47 21.42 15.20
N ALA B 30 7.01 21.94 18.14
CA ALA B 30 5.65 22.14 17.63
C ALA B 30 5.20 23.61 17.58
N THR B 31 4.72 24.02 16.40
CA THR B 31 4.16 25.35 16.17
C THR B 31 2.63 25.38 16.29
N ASP B 32 1.97 24.25 16.08
CA ASP B 32 0.52 24.14 16.22
C ASP B 32 0.18 22.93 17.08
N SER B 33 -1.10 22.59 17.15
CA SER B 33 -1.54 21.39 17.86
C SER B 33 -1.40 20.15 16.97
N ILE B 34 -0.89 19.08 17.56
CA ILE B 34 -0.57 17.83 16.90
C ILE B 34 -1.52 16.78 17.43
N LEU B 35 -1.90 15.84 16.56
CA LEU B 35 -2.65 14.66 16.96
C LEU B 35 -1.67 13.50 17.08
N PHE B 36 -1.52 12.95 18.29
CA PHE B 36 -0.64 11.81 18.51
C PHE B 36 -1.43 10.51 18.65
N ILE B 37 -0.95 9.46 18.00
CA ILE B 37 -1.60 8.17 18.07
C ILE B 37 -0.58 7.21 18.67
N THR B 38 -0.77 6.87 19.95
CA THR B 38 0.29 6.23 20.70
C THR B 38 -0.22 5.27 21.77
N GLY B 39 0.47 5.19 22.92
CA GLY B 39 0.01 4.42 24.04
C GLY B 39 0.16 5.23 25.32
N GLU B 40 -0.48 4.72 26.39
CA GLU B 40 -0.39 5.44 27.66
C GLU B 40 1.07 5.50 28.17
N ASP B 41 1.85 4.43 27.96
CA ASP B 41 3.23 4.36 28.39
C ASP B 41 4.04 5.58 27.97
N TYR B 42 3.65 6.21 26.86
CA TYR B 42 4.35 7.40 26.37
C TYR B 42 4.03 8.63 27.21
N LEU B 43 2.84 8.72 27.79
CA LEU B 43 2.58 9.86 28.67
C LEU B 43 2.98 9.59 30.12
N SER B 44 3.11 8.32 30.53
CA SER B 44 3.33 7.94 31.92
C SER B 44 4.79 7.97 32.35
N VAL B 45 5.74 7.73 31.43
CA VAL B 45 7.14 7.66 31.84
C VAL B 45 7.72 9.02 32.22
N THR B 46 7.03 10.12 31.85
CA THR B 46 7.53 11.45 32.16
C THR B 46 7.51 11.72 33.67
N ASP B 47 6.56 11.11 34.40
CA ASP B 47 6.40 11.32 35.84
C ASP B 47 7.22 10.33 36.67
N ASP B 48 7.36 9.09 36.19
CA ASP B 48 7.99 8.04 36.98
C ASP B 48 9.51 8.10 36.85
N GLU B 49 10.18 8.09 38.00
CA GLU B 49 11.64 8.23 38.08
C GLU B 49 12.36 6.90 38.03
N ALA B 50 11.65 5.78 37.90
CA ALA B 50 12.29 4.55 37.46
C ALA B 50 12.60 4.56 35.95
N GLN B 51 12.44 5.74 35.34
CA GLN B 51 12.63 5.93 33.90
C GLN B 51 13.85 6.75 33.53
N ARG B 52 14.24 7.70 34.36
CA ARG B 52 15.32 8.61 33.98
C ARG B 52 16.67 7.90 33.78
N ALA B 53 16.66 6.56 33.72
CA ALA B 53 17.87 5.78 33.45
C ALA B 53 18.10 5.53 31.96
N ARG B 54 17.04 5.56 31.13
CA ARG B 54 17.20 5.28 29.71
C ARG B 54 17.67 6.54 28.96
N TRP B 55 18.25 6.31 27.77
CA TRP B 55 19.00 7.33 27.04
C TRP B 55 18.18 8.58 26.72
N GLU B 56 16.84 8.48 26.67
CA GLU B 56 16.04 9.64 26.29
C GLU B 56 16.09 10.77 27.32
N PHE B 57 16.47 10.48 28.58
CA PHE B 57 16.54 11.52 29.60
C PHE B 57 17.94 12.10 29.79
N ASP B 58 18.98 11.54 29.18
CA ASP B 58 20.35 12.03 29.43
C ASP B 58 20.59 13.36 28.74
N PRO B 59 20.96 14.41 29.44
CA PRO B 59 21.04 15.72 28.80
C PRO B 59 21.95 15.75 27.57
N ALA B 60 22.78 14.71 27.39
CA ALA B 60 23.68 14.68 26.25
C ALA B 60 22.97 14.19 24.99
N SER B 61 22.00 13.29 25.14
CA SER B 61 21.15 12.94 24.01
C SER B 61 20.20 14.08 23.67
N MET B 62 19.65 14.75 24.69
CA MET B 62 18.76 15.89 24.48
C MET B 62 19.42 16.98 23.64
N ALA B 63 20.66 17.34 23.98
CA ALA B 63 21.40 18.30 23.17
C ALA B 63 21.73 17.73 21.79
N SER B 64 22.15 16.48 21.72
CA SER B 64 22.58 15.96 20.43
C SER B 64 21.40 15.75 19.48
N LEU B 65 20.18 15.66 19.99
CA LEU B 65 19.00 15.53 19.14
C LEU B 65 18.12 16.78 19.18
N GLY B 66 18.43 17.75 20.04
CA GLY B 66 17.75 19.03 20.08
C GLY B 66 16.33 19.03 20.62
N TYR B 67 16.12 18.49 21.82
CA TYR B 67 14.85 18.63 22.49
C TYR B 67 15.06 18.82 23.98
N GLU B 68 14.11 19.48 24.62
CA GLU B 68 13.99 19.44 26.07
C GLU B 68 12.84 18.52 26.46
N LEU B 69 12.76 18.22 27.74
CA LEU B 69 11.67 17.38 28.20
C LEU B 69 10.40 18.22 28.22
N PRO B 70 9.26 17.66 27.90
CA PRO B 70 8.03 18.45 27.88
C PRO B 70 7.56 18.67 29.30
N ASN B 71 6.90 19.82 29.50
CA ASN B 71 6.17 20.14 30.72
C ASN B 71 4.67 19.98 30.51
N ALA B 72 3.93 20.05 31.62
CA ALA B 72 2.48 19.90 31.58
C ALA B 72 1.84 20.87 30.57
N GLN B 73 2.30 22.12 30.55
CA GLN B 73 1.82 23.13 29.60
C GLN B 73 1.84 22.64 28.15
N SER B 74 3.01 22.41 27.57
CA SER B 74 3.08 22.15 26.13
C SER B 74 2.52 20.77 25.75
N MET B 75 2.38 19.85 26.70
CA MET B 75 1.59 18.64 26.49
C MET B 75 0.12 18.97 26.23
N ALA B 76 -0.38 20.06 26.83
CA ALA B 76 -1.79 20.43 26.76
C ALA B 76 -2.22 20.94 25.37
N CYS B 77 -1.27 21.39 24.53
CA CYS B 77 -1.60 21.90 23.20
C CYS B 77 -2.22 20.83 22.28
N HIS B 78 -1.99 19.55 22.56
CA HIS B 78 -2.16 18.47 21.61
C HIS B 78 -3.26 17.50 22.05
N GLU B 79 -3.74 16.68 21.09
CA GLU B 79 -4.76 15.68 21.36
C GLU B 79 -4.14 14.29 21.26
N TYR B 80 -4.66 13.34 22.05
CA TYR B 80 -4.03 12.02 22.16
C TYR B 80 -5.03 10.90 21.96
N LEU B 81 -4.72 9.94 21.10
CA LEU B 81 -5.46 8.69 20.96
C LEU B 81 -4.56 7.54 21.40
N THR B 82 -5.05 6.70 22.32
CA THR B 82 -4.24 5.60 22.88
C THR B 82 -4.75 4.21 22.47
N LEU B 83 -3.80 3.34 22.12
CA LEU B 83 -4.01 1.96 21.70
C LEU B 83 -3.80 0.98 22.87
N ASP B 84 -4.70 0.00 22.99
CA ASP B 84 -4.69 -0.90 24.13
C ASP B 84 -3.76 -2.08 23.92
N ASN B 85 -3.58 -2.86 24.99
CA ASN B 85 -2.58 -3.92 24.93
C ASN B 85 -3.16 -5.31 24.70
N ALA B 86 -4.46 -5.50 24.90
CA ALA B 86 -5.04 -6.80 24.59
C ALA B 86 -4.83 -7.20 23.12
N PHE B 87 -4.54 -6.25 22.23
CA PHE B 87 -4.26 -6.66 20.87
C PHE B 87 -2.81 -7.18 20.74
N TYR B 88 -1.85 -6.51 21.37
CA TYR B 88 -0.46 -7.03 21.40
C TYR B 88 -0.41 -8.50 21.81
N GLU B 89 -1.08 -8.84 22.93
CA GLU B 89 -1.10 -10.22 23.41
C GLU B 89 -1.74 -11.19 22.39
N THR B 90 -2.94 -10.87 21.89
CA THR B 90 -3.47 -11.74 20.85
C THR B 90 -2.47 -11.84 19.69
N LEU B 91 -1.87 -10.71 19.29
CA LEU B 91 -0.87 -10.69 18.20
C LEU B 91 0.28 -11.67 18.44
N LEU B 92 0.91 -11.60 19.62
CA LEU B 92 1.94 -12.59 19.99
C LEU B 92 1.39 -14.01 19.84
N SER B 93 0.13 -14.24 20.24
CA SER B 93 -0.48 -15.57 20.14
C SER B 93 -0.62 -16.06 18.70
N ARG B 94 -0.92 -15.16 17.78
CA ARG B 94 -0.99 -15.54 16.38
C ARG B 94 0.38 -15.81 15.75
N HIS B 95 1.50 -15.54 16.45
CA HIS B 95 2.83 -15.78 15.88
C HIS B 95 3.70 -16.58 16.82
N HIS B 96 3.12 -17.64 17.39
CA HIS B 96 3.84 -18.60 18.21
C HIS B 96 4.56 -17.92 19.38
N HIS B 97 4.08 -16.75 19.80
CA HIS B 97 4.56 -16.05 20.97
C HIS B 97 5.96 -15.45 20.77
N ASP B 98 6.34 -15.28 19.51
CA ASP B 98 7.62 -14.71 19.12
C ASP B 98 7.42 -13.21 18.89
N PRO B 99 7.98 -12.34 19.73
CA PRO B 99 7.72 -10.91 19.56
C PRO B 99 8.49 -10.32 18.41
N ILE B 100 9.61 -10.93 18.05
CA ILE B 100 10.35 -10.49 16.88
C ILE B 100 9.56 -10.84 15.63
N LYS B 101 9.02 -12.05 15.53
CA LYS B 101 8.21 -12.36 14.36
C LYS B 101 6.95 -11.52 14.34
N SER B 102 6.35 -11.27 15.51
CA SER B 102 5.22 -10.33 15.57
C SER B 102 5.58 -8.98 14.99
N PHE B 103 6.73 -8.44 15.41
CA PHE B 103 7.22 -7.15 14.92
C PHE B 103 7.34 -7.17 13.40
N SER B 104 7.92 -8.25 12.86
CA SER B 104 7.98 -8.44 11.41
C SER B 104 6.63 -8.27 10.77
N ALA B 105 5.60 -8.94 11.32
CA ALA B 105 4.27 -8.82 10.75
C ALA B 105 3.77 -7.39 10.83
N PHE B 106 4.00 -6.72 11.99
CA PHE B 106 3.63 -5.31 12.17
C PHE B 106 4.22 -4.46 11.07
N LEU B 107 5.42 -4.81 10.61
CA LEU B 107 6.17 -3.98 9.67
C LEU B 107 5.76 -4.23 8.22
N THR B 108 5.43 -5.47 7.88
CA THR B 108 5.31 -5.90 6.48
C THR B 108 3.94 -6.48 6.09
N GLU B 109 2.98 -6.57 7.03
CA GLU B 109 1.65 -7.17 6.81
C GLU B 109 0.56 -6.29 7.42
N ARG B 110 -0.59 -6.25 6.74
CA ARG B 110 -1.83 -5.72 7.33
C ARG B 110 -2.28 -6.57 8.52
N ILE B 111 -2.68 -5.91 9.59
CA ILE B 111 -3.25 -6.55 10.78
C ILE B 111 -4.68 -6.05 10.94
N PRO B 112 -5.69 -6.82 10.49
CA PRO B 112 -7.06 -6.26 10.44
C PRO B 112 -7.54 -5.69 11.77
N ASP B 113 -7.30 -6.36 12.90
CA ASP B 113 -7.72 -5.77 14.18
C ASP B 113 -7.01 -4.44 14.49
N LEU B 114 -5.75 -4.26 14.07
CA LEU B 114 -5.13 -2.96 14.29
C LEU B 114 -5.86 -1.90 13.50
N GLU B 115 -6.21 -2.24 12.26
CA GLU B 115 -6.86 -1.31 11.34
C GLU B 115 -8.17 -0.82 11.90
N THR B 116 -9.00 -1.73 12.40
CA THR B 116 -10.30 -1.28 12.84
C THR B 116 -10.17 -0.59 14.20
N GLU B 117 -9.10 -0.84 14.96
CA GLU B 117 -8.89 -0.04 16.17
C GLU B 117 -8.38 1.37 15.84
N LEU B 118 -7.58 1.50 14.78
CA LEU B 118 -7.19 2.83 14.32
C LEU B 118 -8.43 3.61 13.86
N HIS B 119 -9.25 2.99 13.00
CA HIS B 119 -10.46 3.65 12.52
C HIS B 119 -11.29 4.11 13.70
N ALA B 120 -11.46 3.25 14.70
CA ALA B 120 -12.33 3.62 15.83
C ALA B 120 -11.73 4.79 16.58
N LEU B 121 -10.41 4.75 16.85
CA LEU B 121 -9.78 5.89 17.50
C LEU B 121 -9.98 7.16 16.68
N LEU B 122 -9.76 7.07 15.36
CA LEU B 122 -9.84 8.22 14.47
C LEU B 122 -11.23 8.87 14.46
N ASP B 123 -12.28 8.08 14.67
CA ASP B 123 -13.67 8.55 14.73
C ASP B 123 -14.13 8.85 16.15
N SER B 124 -13.22 8.73 17.12
CA SER B 124 -13.49 9.05 18.52
C SER B 124 -14.25 10.36 18.67
N LYS B 125 -13.75 11.43 18.07
CA LYS B 125 -14.35 12.75 18.17
C LYS B 125 -14.59 13.29 16.77
N LYS B 126 -15.83 13.73 16.50
CA LYS B 126 -16.11 14.43 15.24
C LYS B 126 -15.05 15.49 14.99
N GLY B 127 -14.59 15.57 13.73
CA GLY B 127 -13.59 16.55 13.36
C GLY B 127 -12.13 16.09 13.45
N ILE B 128 -11.84 14.98 14.12
CA ILE B 128 -10.47 14.47 14.13
C ILE B 128 -9.99 14.19 12.69
N ILE B 129 -10.77 13.43 11.92
CA ILE B 129 -10.29 12.98 10.61
C ILE B 129 -10.12 14.15 9.64
N ASP B 130 -11.00 15.14 9.72
CA ASP B 130 -11.03 16.19 8.71
C ASP B 130 -9.87 17.17 8.84
N GLN B 131 -9.36 17.44 10.03
CA GLN B 131 -8.23 18.36 10.12
C GLN B 131 -6.90 17.65 10.27
N ILE B 132 -6.80 16.42 9.77
CA ILE B 132 -5.53 15.72 9.58
C ILE B 132 -5.05 16.06 8.18
N ASP B 133 -3.85 16.66 8.07
CA ASP B 133 -3.22 16.90 6.78
C ASP B 133 -2.33 15.77 6.31
N THR B 134 -1.87 14.92 7.23
CA THR B 134 -1.06 13.79 6.82
C THR B 134 -0.78 12.94 8.04
N PHE B 135 -0.64 11.64 7.85
CA PHE B 135 -0.04 10.83 8.91
C PHE B 135 1.48 10.95 8.86
N ILE B 136 2.12 10.74 10.02
CA ILE B 136 3.58 10.58 10.13
C ILE B 136 3.85 9.34 10.97
N SER B 137 4.60 8.40 10.43
CA SER B 137 4.94 7.16 11.10
C SER B 137 6.48 6.99 11.11
N ILE B 138 7.00 6.39 12.19
CA ILE B 138 8.45 6.23 12.30
C ILE B 138 8.90 4.95 11.61
N CYS B 139 8.00 4.02 11.35
CA CYS B 139 8.35 2.80 10.64
C CYS B 139 7.22 2.50 9.65
N ASN B 140 7.54 1.64 8.68
CA ASN B 140 6.51 1.11 7.80
C ASN B 140 5.42 0.42 8.62
N CYS B 141 4.15 0.58 8.18
CA CYS B 141 3.05 -0.11 8.85
C CYS B 141 1.87 -0.25 7.89
N PRO B 142 1.79 -1.35 7.14
CA PRO B 142 0.71 -1.50 6.13
C PRO B 142 -0.71 -1.32 6.75
N SER B 143 -0.87 -1.57 8.07
CA SER B 143 -2.15 -1.38 8.74
C SER B 143 -2.56 0.08 8.70
N LEU B 144 -1.65 0.96 9.14
CA LEU B 144 -1.91 2.39 9.06
C LEU B 144 -2.03 2.84 7.61
N GLU B 145 -1.18 2.34 6.71
CA GLU B 145 -1.25 2.71 5.28
C GLU B 145 -2.58 2.34 4.64
N HIS B 146 -3.09 1.14 4.93
CA HIS B 146 -4.43 0.77 4.48
C HIS B 146 -5.48 1.76 5.01
N VAL B 147 -5.45 2.03 6.32
CA VAL B 147 -6.35 3.02 6.92
C VAL B 147 -6.23 4.38 6.20
N ALA B 148 -4.99 4.83 5.96
CA ALA B 148 -4.77 6.13 5.32
C ALA B 148 -5.40 6.19 3.94
N ARG B 149 -5.24 5.14 3.13
CA ARG B 149 -5.86 5.13 1.82
C ARG B 149 -7.37 5.25 1.93
N THR B 150 -7.97 4.43 2.82
CA THR B 150 -9.40 4.51 3.01
C THR B 150 -9.80 5.94 3.34
N LEU B 151 -8.99 6.64 4.14
CA LEU B 151 -9.42 7.99 4.51
C LEU B 151 -8.94 9.08 3.55
N GLY B 152 -8.10 8.78 2.55
CA GLY B 152 -7.58 9.82 1.69
C GLY B 152 -6.38 10.58 2.24
N LYS B 153 -5.58 9.98 3.11
CA LYS B 153 -4.49 10.70 3.74
C LYS B 153 -3.16 10.08 3.35
N GLU B 154 -2.18 10.96 3.10
CA GLU B 154 -0.79 10.54 2.89
C GLU B 154 -0.15 10.08 4.21
N VAL B 155 0.89 9.25 4.05
CA VAL B 155 1.74 8.77 5.14
C VAL B 155 3.19 9.18 4.86
N MET B 156 3.76 10.04 5.71
CA MET B 156 5.19 10.34 5.59
C MET B 156 5.96 9.35 6.45
N HIS B 157 6.93 8.65 5.88
CA HIS B 157 7.74 7.79 6.75
C HIS B 157 9.04 8.54 7.13
N ILE B 158 9.16 8.89 8.42
CA ILE B 158 10.16 9.84 8.92
C ILE B 158 10.96 9.15 10.02
N GLU B 159 12.28 9.21 9.90
CA GLU B 159 13.17 8.50 10.82
C GLU B 159 14.49 9.27 10.82
N ILE B 160 15.33 9.05 11.85
CA ILE B 160 16.67 9.66 11.85
C ILE B 160 17.47 9.12 10.68
N GLY B 161 18.34 9.98 10.10
CA GLY B 161 19.10 9.67 8.89
C GLY B 161 20.33 8.77 9.11
N PRO B 162 21.00 8.40 8.01
CA PRO B 162 22.23 7.60 8.12
C PRO B 162 23.45 8.43 8.53
N LEU B 163 23.33 9.76 8.52
CA LEU B 163 24.42 10.68 8.94
C LEU B 163 23.96 11.45 10.17
N ARG B 164 24.71 11.33 11.26
CA ARG B 164 24.22 11.90 12.52
C ARG B 164 25.34 12.65 13.24
N ALA B 165 24.94 13.64 14.05
CA ALA B 165 25.88 14.26 14.94
C ALA B 165 26.52 13.21 15.87
N PRO B 166 27.78 13.41 16.30
CA PRO B 166 28.75 14.49 16.07
C PRO B 166 29.57 14.43 14.78
N MET B 167 29.70 13.25 14.16
CA MET B 167 30.53 13.13 12.96
C MET B 167 29.98 14.00 11.81
N TYR B 168 28.64 14.11 11.71
CA TYR B 168 27.97 14.76 10.57
C TYR B 168 26.90 15.75 11.03
N ARG B 169 26.49 16.62 10.11
CA ARG B 169 25.17 17.25 10.23
C ARG B 169 24.08 16.21 10.49
N ASN B 170 23.12 16.51 11.36
CA ASN B 170 22.02 15.57 11.55
C ASN B 170 21.14 15.51 10.29
N THR B 171 20.83 14.31 9.85
CA THR B 171 19.93 14.11 8.73
C THR B 171 18.76 13.26 9.16
N ALA B 172 17.66 13.35 8.40
CA ALA B 172 16.49 12.50 8.63
C ALA B 172 15.99 11.95 7.30
N TYR B 173 15.23 10.87 7.39
CA TYR B 173 14.51 10.32 6.25
C TYR B 173 13.12 10.94 6.13
N LEU B 174 12.65 11.12 4.90
CA LEU B 174 11.25 11.49 4.71
C LEU B 174 10.78 10.88 3.40
N ASP B 175 9.91 9.87 3.49
CA ASP B 175 9.69 9.01 2.35
C ASP B 175 8.22 8.64 2.35
N PHE B 176 7.51 9.03 1.30
CA PHE B 176 6.09 8.77 1.25
C PHE B 176 5.75 7.30 1.09
N ALA B 177 6.70 6.44 0.73
CA ALA B 177 6.39 5.04 0.49
C ALA B 177 6.90 4.12 1.58
N GLY B 178 8.15 4.28 2.03
CA GLY B 178 8.66 3.47 3.13
C GLY B 178 9.97 4.01 3.69
N VAL B 179 10.26 3.78 4.97
CA VAL B 179 11.55 4.17 5.53
C VAL B 179 12.36 2.89 5.71
N ASN B 180 13.62 2.90 5.24
CA ASN B 180 14.49 1.71 5.22
C ASN B 180 14.12 0.65 4.19
N GLY B 181 12.95 0.02 4.32
CA GLY B 181 12.45 -0.90 3.31
C GLY B 181 11.45 -0.16 2.43
N GLY B 182 11.39 -0.52 1.15
CA GLY B 182 10.27 -0.01 0.35
C GLY B 182 10.37 1.46 0.04
N THR B 183 11.58 1.98 -0.04
CA THR B 183 11.83 3.43 -0.14
C THR B 183 11.66 3.89 -1.58
N GLU B 184 11.47 5.19 -1.73
CA GLU B 184 11.38 5.77 -3.07
C GLU B 184 12.65 6.52 -3.46
N ALA B 185 13.80 6.24 -2.82
CA ALA B 185 15.00 7.04 -3.15
C ALA B 185 15.42 6.80 -4.59
N SER B 186 15.60 5.53 -5.01
CA SER B 186 16.12 5.34 -6.36
C SER B 186 15.10 5.77 -7.42
N ALA B 187 13.79 5.61 -7.17
CA ALA B 187 12.80 6.01 -8.17
C ALA B 187 12.80 7.53 -8.34
N ARG B 188 12.97 8.29 -7.24
CA ARG B 188 13.12 9.74 -7.36
C ARG B 188 14.39 10.08 -8.13
N TYR B 189 15.51 9.42 -7.79
CA TYR B 189 16.73 9.70 -8.54
C TYR B 189 16.52 9.50 -10.02
N GLU B 190 15.85 8.39 -10.39
CA GLU B 190 15.82 8.00 -11.80
C GLU B 190 15.04 9.00 -12.65
N LYS B 191 14.05 9.67 -12.08
CA LYS B 191 13.29 10.65 -12.82
C LYS B 191 14.02 11.98 -12.97
N CYS B 192 15.14 12.21 -12.26
CA CYS B 192 15.90 13.45 -12.44
C CYS B 192 17.39 13.22 -12.65
N GLN B 193 17.82 11.99 -12.91
CA GLN B 193 19.25 11.71 -13.09
C GLN B 193 19.88 12.64 -14.13
N ALA B 194 19.16 12.91 -15.24
CA ALA B 194 19.73 13.72 -16.31
C ALA B 194 20.05 15.14 -15.86
N GLU B 195 19.45 15.60 -14.74
CA GLU B 195 19.66 16.94 -14.19
C GLU B 195 20.92 17.06 -13.30
N PHE B 196 21.52 15.93 -12.89
CA PHE B 196 22.62 15.90 -11.95
C PHE B 196 23.92 15.77 -12.71
N ASP B 197 24.64 16.87 -12.82
CA ASP B 197 25.95 16.91 -13.42
C ASP B 197 26.89 17.53 -12.37
N ILE B 198 27.13 16.81 -11.28
CA ILE B 198 27.93 17.36 -10.20
C ILE B 198 29.39 17.42 -10.64
N LYS B 199 30.04 18.60 -10.46
CA LYS B 199 31.47 18.75 -10.76
C LYS B 199 32.37 18.43 -9.58
N ALA B 200 31.87 18.56 -8.35
CA ALA B 200 32.61 18.14 -7.17
C ALA B 200 33.02 16.66 -7.23
N SER B 201 34.03 16.33 -6.44
CA SER B 201 34.49 14.96 -6.26
C SER B 201 33.68 14.28 -5.16
N LEU B 202 33.84 12.96 -5.04
CA LEU B 202 33.19 12.25 -3.95
C LEU B 202 33.66 12.80 -2.62
N GLY B 203 34.96 13.13 -2.52
CA GLY B 203 35.54 13.65 -1.29
C GLY B 203 34.90 14.95 -0.86
N ASP B 204 34.69 15.87 -1.83
CA ASP B 204 33.99 17.14 -1.56
C ASP B 204 32.55 16.95 -1.09
N LEU B 205 31.82 15.94 -1.59
CA LEU B 205 30.48 15.71 -1.07
C LEU B 205 30.53 15.25 0.38
N HIS B 206 31.43 14.33 0.67
CA HIS B 206 31.51 13.83 2.03
C HIS B 206 31.94 14.96 2.99
N ASN B 207 32.98 15.74 2.60
CA ASN B 207 33.45 16.86 3.46
C ASN B 207 32.33 17.84 3.78
N TYR B 208 31.39 18.04 2.85
CA TYR B 208 30.34 19.02 3.08
C TYR B 208 29.47 18.63 4.28
N PHE B 209 29.13 17.31 4.41
CA PHE B 209 28.38 16.77 5.55
C PHE B 209 29.27 16.48 6.76
N LEU B 210 30.56 16.30 6.55
CA LEU B 210 31.47 16.10 7.68
C LEU B 210 31.56 17.36 8.52
N GLU B 211 31.53 17.18 9.83
CA GLU B 211 31.75 18.26 10.75
C GLU B 211 33.10 18.16 11.46
N VAL B 212 33.88 17.11 11.19
CA VAL B 212 35.29 16.97 11.55
C VAL B 212 36.04 16.61 10.28
N LEU B 213 37.33 16.96 10.20
CA LEU B 213 38.18 16.44 9.11
C LEU B 213 38.20 14.91 9.08
N PRO B 214 38.33 14.30 7.90
CA PRO B 214 38.42 12.82 7.81
C PRO B 214 39.79 12.33 8.28
N PRO B 215 39.93 11.05 8.66
CA PRO B 215 41.18 10.58 9.30
C PRO B 215 42.34 10.58 8.32
N ALA B 216 43.57 10.69 8.82
CA ALA B 216 44.71 10.48 7.93
C ALA B 216 44.76 9.03 7.47
N GLU B 217 45.50 8.79 6.42
CA GLU B 217 45.66 7.41 5.96
C GLU B 217 46.28 6.56 7.06
N ALA B 218 45.85 5.30 7.10
CA ALA B 218 46.10 4.38 8.18
C ALA B 218 47.40 3.60 7.95
N ALA B 219 48.05 3.21 9.04
CA ALA B 219 49.12 2.22 8.95
C ALA B 219 48.43 0.87 8.91
N THR B 220 48.75 0.05 7.89
CA THR B 220 48.16 -1.27 7.65
C THR B 220 46.64 -1.21 7.41
N HIS B 221 46.16 -2.04 6.48
CA HIS B 221 44.75 -2.18 6.10
C HIS B 221 44.36 -3.64 6.18
N SER B 222 43.26 -3.91 6.86
CA SER B 222 42.61 -5.20 6.68
C SER B 222 41.91 -5.26 5.31
N ALA B 223 42.02 -6.45 4.71
CA ALA B 223 41.35 -6.76 3.45
C ALA B 223 39.84 -6.53 3.51
N ALA B 224 39.16 -7.15 4.48
CA ALA B 224 37.71 -7.04 4.61
C ALA B 224 37.34 -6.45 5.96
N GLY B 225 36.50 -5.42 5.96
CA GLY B 225 35.78 -4.96 7.15
C GLY B 225 34.35 -5.50 7.16
N VAL B 226 33.91 -5.99 8.32
CA VAL B 226 32.52 -6.40 8.51
C VAL B 226 31.84 -5.43 9.46
N VAL B 227 30.78 -4.77 8.98
CA VAL B 227 29.89 -3.98 9.83
C VAL B 227 28.82 -4.88 10.47
N LEU B 228 28.78 -4.92 11.80
CA LEU B 228 27.72 -5.59 12.51
C LEU B 228 26.61 -4.59 12.88
N GLN B 229 25.36 -5.06 12.98
CA GLN B 229 24.26 -4.16 13.35
C GLN B 229 23.56 -4.62 14.65
N VAL B 230 22.58 -3.84 15.11
CA VAL B 230 21.75 -4.27 16.25
C VAL B 230 20.80 -5.40 15.82
N GLU B 231 20.82 -6.49 16.59
CA GLU B 231 20.29 -7.77 16.09
C GLU B 231 18.77 -7.76 15.88
N ASP B 232 18.02 -6.98 16.68
CA ASP B 232 16.56 -6.91 16.67
C ASP B 232 16.09 -5.51 16.27
N ASN B 233 16.94 -4.80 15.56
CA ASN B 233 16.54 -3.60 14.86
C ASN B 233 15.61 -3.96 13.68
N SER B 234 14.64 -3.10 13.40
CA SER B 234 13.76 -3.36 12.26
C SER B 234 14.54 -3.65 10.98
N ASN B 235 15.68 -2.95 10.77
CA ASN B 235 16.59 -3.22 9.66
C ASN B 235 17.00 -4.69 9.56
N LEU B 236 17.33 -5.31 10.67
CA LEU B 236 17.65 -6.73 10.60
C LEU B 236 16.45 -7.65 10.82
N ILE B 237 15.23 -7.14 11.01
CA ILE B 237 14.07 -8.04 11.21
C ILE B 237 13.30 -8.26 9.91
N ALA B 238 12.92 -7.16 9.24
CA ALA B 238 12.15 -7.09 8.00
C ALA B 238 12.97 -6.82 6.72
N TYR B 239 14.09 -6.10 6.72
CA TYR B 239 14.62 -5.61 5.45
C TYR B 239 15.97 -6.24 5.09
N ASN B 240 16.32 -7.35 5.73
CA ASN B 240 17.67 -7.92 5.76
C ASN B 240 17.88 -9.07 4.76
N HIS B 241 16.88 -9.41 3.93
CA HIS B 241 16.95 -10.57 3.00
C HIS B 241 17.41 -11.88 3.66
N ASP B 242 16.94 -12.12 4.89
CA ASP B 242 17.26 -13.26 5.77
C ASP B 242 18.71 -13.27 6.30
N PHE B 243 19.56 -12.28 5.99
CA PHE B 243 20.91 -12.24 6.57
C PHE B 243 20.83 -11.79 8.02
N THR B 244 21.75 -12.32 8.83
CA THR B 244 21.90 -11.93 10.21
C THR B 244 23.36 -11.59 10.41
N ASN B 245 23.73 -11.11 11.62
CA ASN B 245 25.16 -10.83 11.85
C ASN B 245 26.00 -12.10 11.66
N ILE B 246 25.50 -13.24 12.11
CA ILE B 246 26.33 -14.43 11.99
C ILE B 246 26.36 -14.95 10.54
N SER B 247 25.25 -14.86 9.77
CA SER B 247 25.40 -15.32 8.38
C SER B 247 26.18 -14.30 7.54
N LEU B 248 26.17 -13.02 7.92
CA LEU B 248 27.05 -12.06 7.24
C LEU B 248 28.53 -12.35 7.48
N LEU B 249 28.88 -12.72 8.70
CA LEU B 249 30.28 -13.13 8.97
C LEU B 249 30.62 -14.41 8.20
N SER B 250 29.70 -15.39 8.18
CA SER B 250 29.97 -16.58 7.40
C SER B 250 30.12 -16.26 5.91
N TYR B 251 29.30 -15.32 5.41
CA TYR B 251 29.50 -14.84 4.05
C TYR B 251 30.94 -14.40 3.81
N VAL B 252 31.49 -13.59 4.74
CA VAL B 252 32.81 -12.99 4.53
C VAL B 252 33.89 -14.06 4.66
N ARG B 253 33.68 -15.02 5.56
CA ARG B 253 34.69 -16.04 5.76
C ARG B 253 34.76 -17.03 4.60
N GLN B 254 33.73 -17.11 3.74
CA GLN B 254 33.90 -17.80 2.44
C GLN B 254 34.92 -17.09 1.54
N ARG B 255 35.14 -15.81 1.74
CA ARG B 255 35.98 -15.01 0.86
C ARG B 255 37.33 -14.62 1.46
N TYR B 256 37.54 -14.74 2.78
CA TYR B 256 38.74 -14.27 3.45
C TYR B 256 39.04 -15.18 4.62
N GLU B 257 40.33 -15.42 4.86
CA GLU B 257 40.69 -16.08 6.11
C GLU B 257 40.52 -15.13 7.29
N LYS B 258 40.37 -15.71 8.48
CA LYS B 258 40.12 -14.92 9.68
C LYS B 258 41.11 -13.76 9.77
N GLU B 259 42.40 -14.02 9.52
CA GLU B 259 43.44 -13.03 9.78
C GLU B 259 43.28 -11.79 8.93
N ASP B 260 42.46 -11.83 7.86
CA ASP B 260 42.25 -10.68 7.00
C ASP B 260 40.94 -9.97 7.28
N ILE B 261 40.27 -10.33 8.36
CA ILE B 261 38.93 -9.83 8.62
C ILE B 261 38.98 -9.01 9.89
N LEU B 262 38.41 -7.81 9.83
CA LEU B 262 38.30 -6.87 10.93
C LEU B 262 36.82 -6.58 11.15
N VAL B 263 36.29 -6.97 12.31
CA VAL B 263 34.85 -6.88 12.59
C VAL B 263 34.62 -5.75 13.59
N ARG B 264 33.66 -4.88 13.30
CA ARG B 264 33.24 -3.81 14.21
C ARG B 264 31.83 -4.09 14.67
N ALA B 265 31.67 -4.50 15.93
CA ALA B 265 30.35 -4.64 16.53
C ALA B 265 29.62 -3.29 16.56
N HIS B 266 28.31 -3.35 16.54
CA HIS B 266 27.54 -2.12 16.73
C HIS B 266 27.67 -1.75 18.20
N PRO B 267 28.09 -0.53 18.54
CA PRO B 267 28.12 -0.12 19.96
C PRO B 267 26.77 -0.22 20.65
N GLY B 268 25.63 -0.28 19.90
CA GLY B 268 24.33 -0.36 20.55
C GLY B 268 23.81 -1.76 20.73
N SER B 269 24.52 -2.71 20.15
CA SER B 269 24.18 -4.13 20.24
C SER B 269 24.30 -4.63 21.67
N LEU B 270 23.37 -5.53 22.02
CA LEU B 270 23.44 -6.32 23.26
C LEU B 270 24.60 -7.30 23.29
N PHE B 271 25.11 -7.75 22.13
CA PHE B 271 26.17 -8.75 22.04
C PHE B 271 27.48 -8.12 21.54
N ARG B 272 28.60 -8.64 22.04
CA ARG B 272 29.91 -8.27 21.51
C ARG B 272 30.66 -9.53 21.08
N LEU B 273 31.66 -9.34 20.24
CA LEU B 273 32.41 -10.45 19.67
C LEU B 273 33.52 -10.88 20.62
N ARG B 274 33.52 -12.16 20.97
CA ARG B 274 34.60 -12.71 21.76
C ARG B 274 35.92 -12.44 21.03
N ASP B 275 36.95 -12.06 21.81
CA ASP B 275 38.20 -11.54 21.25
C ASP B 275 39.17 -12.65 20.88
N ASP B 276 38.68 -13.69 20.21
CA ASP B 276 39.42 -14.94 20.18
C ASP B 276 39.55 -15.50 18.77
N VAL B 277 38.54 -15.32 17.94
CA VAL B 277 38.55 -15.87 16.59
C VAL B 277 38.86 -14.80 15.54
N PHE B 278 38.14 -13.69 15.58
CA PHE B 278 38.25 -12.62 14.59
C PHE B 278 39.09 -11.49 15.14
N THR B 279 39.52 -10.60 14.23
CA THR B 279 40.14 -9.34 14.66
C THR B 279 39.04 -8.32 14.96
N ILE B 280 38.89 -7.97 16.24
CA ILE B 280 37.86 -7.04 16.71
C ILE B 280 38.37 -5.59 16.60
N ASP B 281 37.64 -4.77 15.83
CA ASP B 281 37.98 -3.35 15.71
C ASP B 281 37.60 -2.59 16.98
N ASP B 282 38.34 -1.53 17.29
CA ASP B 282 38.03 -0.71 18.45
C ASP B 282 38.28 0.77 18.16
N SER B 283 38.00 1.20 16.93
CA SER B 283 38.20 2.60 16.48
C SER B 283 37.27 3.55 17.23
N ALA B 284 37.62 4.84 17.22
CA ALA B 284 36.79 5.81 17.93
C ALA B 284 35.40 5.93 17.32
N ASN B 285 35.28 5.64 16.01
CA ASN B 285 34.03 5.86 15.29
C ASN B 285 34.08 5.03 14.02
N SER B 286 32.94 4.92 13.35
CA SER B 286 32.89 4.03 12.22
C SER B 286 33.72 4.54 11.03
N LEU B 287 33.82 5.85 10.83
CA LEU B 287 34.73 6.33 9.77
C LEU B 287 36.18 5.85 9.98
N ALA B 288 36.68 5.88 11.23
CA ALA B 288 38.05 5.43 11.47
C ALA B 288 38.21 3.93 11.24
N PHE B 289 37.16 3.15 11.50
CA PHE B 289 37.14 1.72 11.13
C PHE B 289 37.20 1.54 9.61
N ILE B 290 36.37 2.29 8.86
CA ILE B 290 36.33 2.20 7.39
C ILE B 290 37.70 2.48 6.78
N ASN B 291 38.34 3.54 7.25
CA ASN B 291 39.68 3.93 6.80
C ASN B 291 40.70 2.78 6.85
N GLN B 292 40.50 1.81 7.73
CA GLN B 292 41.42 0.69 7.89
C GLN B 292 41.19 -0.48 6.93
N CYS B 293 40.14 -0.47 6.09
CA CYS B 293 39.74 -1.64 5.32
C CYS B 293 39.88 -1.42 3.82
N ASN B 294 40.33 -2.47 3.12
CA ASN B 294 40.32 -2.45 1.66
C ASN B 294 38.88 -2.49 1.12
N GLU B 295 37.98 -3.21 1.78
CA GLU B 295 36.60 -3.16 1.33
C GLU B 295 35.71 -3.56 2.49
N VAL B 296 34.41 -3.26 2.37
CA VAL B 296 33.49 -3.26 3.51
C VAL B 296 32.29 -4.13 3.17
N PHE B 297 31.83 -4.89 4.15
CA PHE B 297 30.66 -5.73 3.98
C PHE B 297 29.60 -5.31 4.99
N THR B 298 28.34 -5.22 4.53
CA THR B 298 27.24 -4.86 5.42
C THR B 298 25.94 -5.52 4.96
N ILE B 299 25.01 -5.64 5.91
CA ILE B 299 23.63 -5.99 5.59
C ILE B 299 22.89 -4.72 5.13
N ASN B 300 22.62 -3.77 6.05
CA ASN B 300 22.08 -2.50 5.58
C ASN B 300 22.39 -1.38 6.57
N SER B 301 23.58 -1.43 7.18
CA SER B 301 23.95 -0.40 8.17
C SER B 301 24.07 0.95 7.49
N SER B 302 23.78 2.03 8.26
CA SER B 302 24.24 3.37 7.82
C SER B 302 25.73 3.41 7.49
N VAL B 303 26.53 2.47 8.02
CA VAL B 303 27.96 2.57 7.80
C VAL B 303 28.31 2.15 6.37
N GLY B 304 27.43 1.42 5.70
CA GLY B 304 27.58 1.20 4.26
C GLY B 304 27.63 2.49 3.45
N LEU B 305 26.73 3.44 3.72
CA LEU B 305 26.70 4.68 2.95
C LEU B 305 27.97 5.48 3.17
N GLU B 306 28.42 5.53 4.43
CA GLU B 306 29.71 6.13 4.78
C GLU B 306 30.85 5.49 3.99
N ALA B 307 30.83 4.15 3.89
CA ALA B 307 31.87 3.49 3.10
C ALA B 307 31.78 3.89 1.64
N ILE B 308 30.56 4.01 1.09
CA ILE B 308 30.45 4.44 -0.29
C ILE B 308 30.96 5.86 -0.43
N LEU B 309 30.65 6.75 0.53
CA LEU B 309 31.11 8.13 0.38
C LEU B 309 32.63 8.27 0.46
N THR B 310 33.37 7.29 1.01
CA THR B 310 34.83 7.41 0.98
C THR B 310 35.46 6.68 -0.18
N GLY B 311 34.68 6.13 -1.10
CA GLY B 311 35.27 5.49 -2.26
C GLY B 311 35.58 4.02 -2.13
N LYS B 312 35.18 3.38 -1.04
CA LYS B 312 35.66 2.01 -0.85
C LYS B 312 34.67 1.02 -1.46
N LYS B 313 35.20 -0.09 -1.97
CA LYS B 313 34.34 -1.13 -2.50
C LYS B 313 33.48 -1.67 -1.35
N THR B 314 32.15 -1.77 -1.58
CA THR B 314 31.19 -2.06 -0.50
C THR B 314 30.20 -3.11 -0.98
N THR B 315 29.91 -4.07 -0.11
CA THR B 315 28.92 -5.10 -0.38
C THR B 315 27.74 -4.90 0.56
N VAL B 316 26.53 -4.89 -0.02
CA VAL B 316 25.30 -4.52 0.66
C VAL B 316 24.35 -5.67 0.46
N LEU B 317 24.05 -6.42 1.52
CA LEU B 317 23.27 -7.64 1.35
C LEU B 317 21.77 -7.49 1.70
N GLY B 318 21.33 -6.41 2.33
CA GLY B 318 19.93 -6.19 2.64
C GLY B 318 19.38 -5.05 1.80
N ASP B 319 18.10 -4.78 1.98
CA ASP B 319 17.52 -3.61 1.34
C ASP B 319 17.77 -2.37 2.21
N CYS B 320 18.08 -1.25 1.57
CA CYS B 320 18.23 0.05 2.21
C CYS B 320 18.07 1.13 1.15
N SER B 321 17.91 2.37 1.62
CA SER B 321 17.63 3.54 0.81
C SER B 321 18.79 3.91 -0.13
N TYR B 322 20.01 3.59 0.24
CA TYR B 322 21.17 4.04 -0.52
C TYR B 322 21.74 2.95 -1.42
N ALA B 323 21.21 1.72 -1.37
CA ALA B 323 21.75 0.64 -2.20
C ALA B 323 21.78 1.02 -3.69
N PHE B 324 20.81 1.80 -4.18
CA PHE B 324 20.90 2.08 -5.62
C PHE B 324 22.20 2.78 -5.99
N ILE B 325 22.79 3.55 -5.07
CA ILE B 325 24.08 4.22 -5.36
C ILE B 325 25.18 3.17 -5.57
N ASN B 326 25.19 2.14 -4.71
CA ASN B 326 26.22 1.11 -4.79
C ASN B 326 26.15 0.32 -6.09
N GLU B 327 24.96 0.17 -6.66
CA GLU B 327 24.79 -0.65 -7.83
C GLU B 327 25.40 -0.02 -9.07
N LEU B 328 25.71 1.30 -9.07
CA LEU B 328 26.23 1.97 -10.26
C LEU B 328 27.62 1.45 -10.59
N ALA B 329 28.01 1.53 -11.87
CA ALA B 329 29.30 0.98 -12.29
C ALA B 329 30.43 2.01 -12.24
N GLY B 330 30.14 3.25 -12.66
CA GLY B 330 31.13 4.30 -12.79
C GLY B 330 31.17 5.23 -11.58
N ALA B 331 32.37 5.71 -11.30
CA ALA B 331 32.63 6.55 -10.14
C ALA B 331 31.93 7.90 -10.26
N SER B 332 31.95 8.49 -11.47
CA SER B 332 31.28 9.78 -11.66
C SER B 332 29.75 9.62 -11.61
N ALA B 333 29.24 8.53 -12.16
CA ALA B 333 27.80 8.36 -12.03
C ALA B 333 27.46 8.12 -10.56
N THR B 334 28.35 7.43 -9.83
CA THR B 334 28.10 7.26 -8.40
C THR B 334 28.10 8.62 -7.66
N VAL B 335 29.02 9.54 -8.01
CA VAL B 335 29.00 10.88 -7.44
C VAL B 335 27.63 11.57 -7.67
N ASN B 336 27.13 11.58 -8.91
CA ASN B 336 25.83 12.22 -9.16
C ASN B 336 24.71 11.67 -8.26
N ALA B 337 24.63 10.34 -8.15
CA ALA B 337 23.54 9.74 -7.37
C ALA B 337 23.70 10.06 -5.88
N ALA B 338 24.95 10.09 -5.39
CA ALA B 338 25.20 10.41 -4.00
C ALA B 338 24.79 11.85 -3.68
N ALA B 339 25.16 12.79 -4.56
CA ALA B 339 24.70 14.16 -4.39
C ALA B 339 23.20 14.21 -4.26
N PHE B 340 22.47 13.62 -5.24
CA PHE B 340 21.01 13.62 -5.15
C PHE B 340 20.56 13.03 -3.81
N TYR B 341 21.17 11.90 -3.41
CA TYR B 341 20.80 11.25 -2.16
C TYR B 341 21.00 12.18 -0.96
N LEU B 342 22.16 12.89 -0.89
CA LEU B 342 22.49 13.71 0.28
C LEU B 342 21.75 15.03 0.27
N PHE B 343 21.49 15.59 -0.91
CA PHE B 343 20.91 16.93 -0.92
C PHE B 343 19.40 16.96 -1.11
N SER B 344 18.81 15.92 -1.76
CA SER B 344 17.39 15.85 -2.02
C SER B 344 16.68 14.76 -1.24
N TYR B 345 17.24 13.54 -1.17
CA TYR B 345 16.53 12.46 -0.44
C TYR B 345 16.59 12.66 1.08
N LEU B 346 17.79 12.67 1.66
CA LEU B 346 17.96 13.06 3.07
C LEU B 346 17.43 14.48 3.31
N VAL B 347 16.92 14.70 4.54
CA VAL B 347 16.41 16.01 4.98
C VAL B 347 17.25 16.49 6.18
N PRO B 348 17.60 17.78 6.26
CA PRO B 348 18.14 18.30 7.52
C PRO B 348 17.25 17.84 8.68
N PHE B 349 17.88 17.42 9.77
CA PHE B 349 17.17 16.68 10.81
C PHE B 349 16.01 17.49 11.39
N ASP B 350 16.25 18.76 11.71
CA ASP B 350 15.18 19.55 12.34
C ASP B 350 14.01 19.78 11.40
N LEU B 351 14.23 19.77 10.09
CA LEU B 351 13.13 20.22 9.22
C LEU B 351 11.96 19.22 9.19
N VAL B 352 12.18 17.93 9.46
CA VAL B 352 11.12 16.92 9.43
C VAL B 352 10.21 17.06 10.65
N PHE B 353 10.53 18.01 11.55
CA PHE B 353 9.70 18.40 12.69
C PHE B 353 9.18 19.83 12.55
N ASN B 354 9.42 20.47 11.42
CA ASN B 354 9.00 21.84 11.16
C ASN B 354 7.67 21.76 10.44
N GLN B 355 6.58 22.15 11.10
CA GLN B 355 5.27 21.98 10.47
C GLN B 355 5.21 22.73 9.15
N GLU B 356 5.94 23.84 9.02
CA GLU B 356 5.95 24.57 7.75
C GLU B 356 6.62 23.75 6.65
N TYR B 357 7.72 23.08 6.97
CA TYR B 357 8.41 22.30 5.96
C TYR B 357 7.57 21.07 5.58
N LEU B 358 7.08 20.33 6.58
CA LEU B 358 6.25 19.16 6.30
C LEU B 358 5.12 19.52 5.33
N LYS B 359 4.42 20.61 5.62
CA LYS B 359 3.35 21.06 4.72
C LYS B 359 3.88 21.34 3.32
N PHE B 360 5.05 22.00 3.24
CA PHE B 360 5.74 22.21 1.97
C PHE B 360 5.95 20.88 1.23
N ARG B 361 6.38 19.82 1.93
CA ARG B 361 6.65 18.54 1.28
C ARG B 361 5.36 17.84 0.87
N LEU B 362 4.26 18.14 1.54
CA LEU B 362 2.95 17.60 1.19
C LEU B 362 2.39 18.19 -0.08
N GLY B 363 2.98 19.27 -0.62
CA GLY B 363 2.63 19.76 -1.96
C GLY B 363 3.37 19.06 -3.10
N HIS B 364 4.38 18.24 -2.77
CA HIS B 364 5.12 17.49 -3.78
C HIS B 364 5.79 18.45 -4.78
N PRO B 365 6.56 19.43 -4.28
CA PRO B 365 7.32 20.34 -5.17
C PRO B 365 8.35 19.61 -6.03
N GLU B 366 8.77 20.31 -7.09
CA GLU B 366 9.84 19.83 -7.95
C GLU B 366 11.12 19.64 -7.14
N GLU B 367 12.01 18.79 -7.67
CA GLU B 367 13.24 18.50 -6.93
C GLU B 367 14.04 19.77 -6.71
N ARG B 368 14.12 20.65 -7.72
CA ARG B 368 14.84 21.90 -7.56
C ARG B 368 14.45 22.60 -6.27
N GLU B 369 13.14 22.70 -5.98
CA GLU B 369 12.68 23.42 -4.79
C GLU B 369 13.07 22.68 -3.50
N ILE B 370 13.17 21.35 -3.53
CA ILE B 370 13.55 20.60 -2.33
C ILE B 370 15.03 20.81 -2.00
N VAL B 371 15.90 20.77 -3.02
CA VAL B 371 17.32 21.04 -2.78
C VAL B 371 17.52 22.46 -2.26
N GLY B 372 16.72 23.40 -2.75
CA GLY B 372 16.80 24.78 -2.31
C GLY B 372 16.48 24.92 -0.84
N LYS B 373 15.26 24.53 -0.42
CA LYS B 373 14.93 24.59 1.00
C LYS B 373 16.00 23.89 1.84
N HIS B 374 16.60 22.82 1.32
CA HIS B 374 17.57 22.06 2.11
C HIS B 374 18.89 22.82 2.23
N ILE B 375 19.37 23.38 1.11
CA ILE B 375 20.66 24.07 1.08
C ILE B 375 20.59 25.38 1.87
N GLU B 376 19.45 26.08 1.85
CA GLU B 376 19.40 27.30 2.66
C GLU B 376 19.38 27.01 4.15
N PHE B 377 18.86 25.84 4.57
CA PHE B 377 18.97 25.46 5.98
C PHE B 377 20.41 25.05 6.36
N TYR B 378 21.10 24.34 5.48
CA TYR B 378 22.52 24.08 5.71
C TYR B 378 23.33 25.38 5.69
N SER B 379 22.81 26.43 5.05
CA SER B 379 23.50 27.72 4.95
C SER B 379 22.96 28.68 6.01
N ALA B 380 23.41 28.45 7.25
CA ALA B 380 22.97 29.24 8.40
C ALA B 380 23.57 30.63 8.35
N HIS B 391 20.11 29.47 -11.81
CA HIS B 391 20.36 28.48 -10.77
C HIS B 391 19.44 27.27 -10.93
N SER B 392 20.03 26.08 -11.11
CA SER B 392 19.25 24.91 -11.51
C SER B 392 19.92 23.67 -10.94
N LEU B 393 19.41 23.18 -9.80
CA LEU B 393 19.81 21.88 -9.26
C LEU B 393 21.31 21.66 -9.30
N SER B 394 21.84 21.35 -10.50
CA SER B 394 23.26 21.07 -10.62
C SER B 394 24.10 22.27 -10.20
N SER B 395 23.76 23.46 -10.69
CA SER B 395 24.52 24.65 -10.28
C SER B 395 24.35 24.93 -8.79
N LEU B 396 23.13 24.77 -8.27
CA LEU B 396 22.87 25.07 -6.85
C LEU B 396 23.74 24.20 -5.94
N ILE B 397 23.84 22.89 -6.21
CA ILE B 397 24.68 22.00 -5.42
C ILE B 397 26.16 22.36 -5.56
N ASN B 398 26.59 22.71 -6.78
CA ASN B 398 28.01 22.95 -7.02
C ASN B 398 28.52 24.14 -6.19
N GLU B 399 27.65 25.12 -5.93
CA GLU B 399 28.08 26.31 -5.18
C GLU B 399 28.11 26.04 -3.68
N ALA B 400 27.09 25.35 -3.17
CA ALA B 400 27.09 24.98 -1.77
C ALA B 400 28.37 24.23 -1.42
N ILE B 401 28.96 23.54 -2.40
CA ILE B 401 30.23 22.88 -2.19
C ILE B 401 31.41 23.88 -2.29
N SER B 402 31.25 24.97 -3.04
CA SER B 402 32.29 26.03 -3.19
C SER B 402 33.71 25.46 -3.36
P PO4 C . -11.01 -10.49 -13.93
O1 PO4 C . -12.45 -10.14 -13.69
O2 PO4 C . -10.40 -11.01 -12.66
O3 PO4 C . -10.28 -9.25 -14.39
O4 PO4 C . -10.90 -11.57 -14.97
P PO4 D . 14.38 -18.73 -20.28
O1 PO4 D . 13.27 -18.68 -19.27
O2 PO4 D . 15.63 -18.14 -19.65
O3 PO4 D . 13.99 -17.93 -21.51
O4 PO4 D . 14.60 -20.18 -20.67
P PO4 E . -30.96 2.27 -12.74
O1 PO4 E . -31.53 2.66 -11.39
O2 PO4 E . -31.17 0.80 -12.96
O3 PO4 E . -31.60 3.07 -13.85
O4 PO4 E . -29.48 2.56 -12.77
O3P C5P F . -18.83 -15.37 -10.01
P C5P F . -18.69 -14.02 -10.64
O1P C5P F . -18.41 -12.87 -9.72
O2P C5P F . -17.99 -13.96 -11.95
O5' C5P F . -20.57 -13.60 -10.99
C5' C5P F . -20.96 -12.71 -11.92
C4' C5P F . -22.25 -13.19 -12.71
O4' C5P F . -22.17 -14.46 -13.35
C3' C5P F . -23.42 -13.37 -11.62
O3' C5P F . -24.10 -12.25 -11.18
C2' C5P F . -24.40 -14.30 -12.41
O2' C5P F . -25.15 -13.46 -13.21
C1' C5P F . -23.38 -15.18 -13.26
N1 C5P F . -22.97 -16.54 -12.59
C2 C5P F . -23.88 -17.66 -12.70
N3 C5P F . -23.44 -18.89 -12.06
C4 C5P F . -22.28 -19.03 -11.40
C5 C5P F . -21.34 -17.85 -11.31
C6 C5P F . -21.74 -16.66 -11.92
O2 C5P F . -24.93 -17.53 -13.28
N4 C5P F . -21.96 -20.32 -10.81
H5'1 C5P F . -20.34 -12.54 -12.65
H5'2 C5P F . -21.25 -11.85 -11.58
H4' C5P F . -22.43 -12.64 -13.48
H3' C5P F . -23.28 -14.05 -10.93
HO3' C5P F . -24.47 -12.39 -10.41
H2'1 C5P F . -24.86 -14.75 -11.68
HO2' C5P F . -25.92 -13.77 -13.30
H1' C5P F . -23.90 -15.35 -14.06
H5 C5P F . -20.54 -17.95 -10.87
H6 C5P F . -21.20 -15.89 -11.92
HN41 C5P F . -22.03 -20.55 -9.98
HN42 C5P F . -21.67 -21.03 -11.20
N1C CMK G . -23.07 -16.50 -12.50
C2C CMK G . -23.88 -17.57 -12.64
N3C CMK G . -23.50 -18.77 -12.13
C4C CMK G . -22.32 -18.91 -11.53
C5C CMK G . -21.47 -17.85 -11.41
C6C CMK G . -21.87 -16.64 -11.93
O2C CMK G . -24.94 -17.50 -13.14
N4C CMK G . -22.00 -20.24 -11.03
C1' CMK G . -23.52 -15.35 -13.01
C2' CMK G . -24.20 -14.24 -12.16
O2' CMK G . -25.07 -13.53 -13.17
C3' CMK G . -23.23 -13.48 -11.66
C4' CMK G . -22.14 -13.51 -12.88
O4' CMK G . -22.22 -14.66 -13.52
O3' CMK G . -23.56 -12.12 -11.23
C5' CMK G . -20.78 -13.20 -12.20
O5' CMK G . -20.50 -13.88 -10.92
PA CMK G . -18.86 -14.11 -10.52
O1A CMK G . -18.64 -12.99 -9.58
O2A CMK G . -18.81 -15.48 -9.91
O6 CMK G . -16.19 -12.27 -10.99
C2 CMK G . -16.42 -13.57 -11.71
O2 CMK G . -17.81 -13.89 -11.82
C3 CMK G . -15.92 -13.49 -13.16
C4 CMK G . -16.30 -12.21 -13.78
O4 CMK G . -17.70 -11.97 -13.54
C5 CMK G . -15.55 -11.10 -13.12
C6 CMK G . -15.23 -11.36 -11.67
C7 CMK G . -15.23 -10.08 -10.86
C1 CMK G . -15.71 -14.66 -10.99
O1X CMK G . -15.28 -14.52 -9.77
O1Y CMK G . -15.62 -15.75 -11.67
O5 CMK G . -16.41 -9.95 -13.19
C8 CMK G . -13.79 -9.50 -10.92
O8 CMK G . -13.83 -8.13 -10.57
O7 CMK G . -16.21 -9.20 -11.40
H5C CMK G . -20.65 -17.94 -11.00
H6C CMK G . -21.29 -15.90 -11.88
H4C1 CMK G . -21.21 -20.41 -10.76
H4C2 CMK G . -22.60 -20.86 -11.00
H1' CMK G . -24.24 -15.60 -13.61
H2' CMK G . -24.69 -14.57 -11.39
HA CMK G . -25.68 -13.12 -12.75
H3' CMK G . -22.92 -13.88 -10.83
H4' CMK G . -22.32 -12.88 -13.59
HB CMK G . -23.95 -12.19 -10.47
H5'1 CMK G . -20.08 -13.44 -12.82
H5'2 CMK G . -20.75 -12.25 -12.04
H3C1 CMK G . -14.94 -13.58 -13.17
H3C2 CMK G . -16.30 -14.22 -13.67
H4 CMK G . -16.14 -12.24 -14.73
HC CMK G . -18.13 -12.65 -13.81
H5 CMK G . -14.72 -10.95 -13.59
H6 CMK G . -14.34 -11.75 -11.67
H7 CMK G . -15.45 -10.22 -9.93
HD CMK G . -16.76 -9.91 -13.97
H8C1 CMK G . -13.23 -9.98 -10.30
H8C2 CMK G . -13.44 -9.59 -11.82
H8 CMK G . -14.57 -7.81 -10.79
HE CMK G . -15.87 -8.76 -12.04
P PO4 H . 14.79 0.74 15.33
O1 PO4 H . 14.12 1.45 16.50
O2 PO4 H . 16.18 0.33 15.75
O3 PO4 H . 14.02 -0.50 14.93
O4 PO4 H . 14.89 1.69 14.15
N1C CMK I . 27.87 2.19 13.90
C2C CMK I . 29.11 1.80 14.26
N3C CMK I . 29.51 0.52 14.11
C4C CMK I . 28.65 -0.38 13.65
C5C CMK I . 27.40 -0.02 13.31
C6C CMK I . 26.99 1.29 13.45
O2C CMK I . 29.89 2.59 14.68
N4C CMK I . 29.11 -1.77 13.51
C1' CMK I . 27.55 3.48 14.10
C2' CMK I . 27.49 4.54 12.98
O2' CMK I . 27.94 5.74 13.79
C3' CMK I . 26.22 4.60 12.56
C4' CMK I . 25.31 4.21 13.85
O4' CMK I . 26.04 3.43 14.61
O3' CMK I . 25.94 5.87 11.89
C5' CMK I . 24.06 3.60 13.15
O5' CMK I . 24.37 2.49 12.24
PA CMK I . 23.14 1.35 11.96
O1A CMK I . 22.44 1.86 10.74
O2A CMK I . 23.69 -0.01 11.73
O6 CMK I . 20.02 1.41 12.44
C2 CMK I . 20.91 0.69 13.41
O2 CMK I . 22.22 1.24 13.38
C3 CMK I . 20.49 0.78 14.88
C4 CMK I . 19.69 1.99 15.16
O4 CMK I . 20.55 3.12 14.87
C5 CMK I . 18.49 2.16 14.30
C6 CMK I . 18.62 1.58 12.89
C7 CMK I . 17.89 2.45 11.89
C1 CMK I . 20.94 -0.74 12.99
O1X CMK I . 20.39 -1.06 11.87
O1Y CMK I . 21.49 -1.58 13.73
O5 CMK I . 18.20 3.58 14.28
C8 CMK I . 16.51 1.81 11.61
O8 CMK I . 15.56 2.81 11.32
O7 CMK I . 17.76 3.77 12.41
H5C CMK I . 26.81 -0.65 12.96
H6C CMK I . 26.12 1.55 13.24
H4C1 CMK I . 28.57 -2.35 13.16
H4C2 CMK I . 29.90 -1.99 13.74
H1' CMK I . 28.27 3.84 14.64
H2' CMK I . 27.98 4.38 12.16
HA CMK I . 28.62 6.10 13.42
H3' CMK I . 26.04 3.93 11.88
H4' CMK I . 25.05 4.90 14.47
HB CMK I . 26.54 6.03 11.30
H5'1 CMK I . 23.45 3.28 13.84
H5'2 CMK I . 23.62 4.30 12.64
H3C1 CMK I . 21.29 0.81 15.43
H3C2 CMK I . 19.95 0.01 15.12
H4 CMK I . 19.40 1.95 16.09
HC CMK I . 20.72 3.55 15.58
H5 CMK I . 17.74 1.68 14.68
H6 CMK I . 18.20 0.71 12.91
H7 CMK I . 18.39 2.51 11.05
HD CMK I . 18.84 4.00 13.91
H8C1 CMK I . 16.23 1.31 12.40
H8C2 CMK I . 16.59 1.21 10.85
H8 CMK I . 15.79 3.20 10.61
HE CMK I . 17.97 4.33 11.79
O3P C5P J . 23.84 0.09 11.81
P C5P J . 23.05 1.34 12.04
O1P C5P J . 22.15 1.33 13.23
O2P C5P J . 22.53 1.98 10.77
O5' C5P J . 24.44 2.61 12.49
C5' C5P J . 24.21 3.87 12.89
C4' C5P J . 25.47 4.49 13.66
O4' C5P J . 26.13 3.65 14.62
C3' C5P J . 26.60 4.78 12.57
O3' C5P J . 26.59 5.98 11.88
C2' C5P J . 27.91 4.76 13.42
O2' C5P J . 28.03 6.05 13.91
C1' C5P J . 27.56 3.73 14.55
N1 C5P J . 28.01 2.25 14.24
C2 C5P J . 29.37 1.85 14.57
N3 C5P J . 29.71 0.48 14.27
C4 C5P J . 28.87 -0.43 13.74
C5 C5P J . 27.48 0.01 13.42
C6 C5P J . 27.11 1.32 13.70
O2 C5P J . 30.12 2.68 15.06
N4 C5P J . 29.34 -1.79 13.48
H5'1 C5P J . 23.51 3.98 13.54
H5'2 C5P J . 24.08 4.52 12.19
H4' C5P J . 25.22 5.22 14.26
H3' C5P J . 26.86 4.00 12.05
HO3' C5P J . 27.39 6.30 11.81
H2'1 C5P J . 28.56 4.45 12.76
HO2' C5P J . 28.72 6.11 14.40
H1' C5P J . 28.05 4.09 15.30
H5 C5P J . 26.89 -0.61 13.05
H6 C5P J . 26.25 1.65 13.54
HN41 C5P J . 30.10 -2.15 13.67
HN42 C5P J . 28.91 -2.41 13.08
#